data_2PAH
#
_entry.id   2PAH
#
_cell.length_a   119.500
_cell.length_b   119.500
_cell.length_c   126.000
_cell.angle_alpha   90.00
_cell.angle_beta   90.00
_cell.angle_gamma   120.00
#
_symmetry.space_group_name_H-M   'P 31 1 2'
#
loop_
_entity.id
_entity.type
_entity.pdbx_description
1 polymer 'PROTEIN (PHENYLALANINE HYDROXYLASE)'
2 non-polymer 'FE (III) ION'
#
_entity_poly.entity_id   1
_entity_poly.type   'polypeptide(L)'
_entity_poly.pdbx_seq_one_letter_code
;VPWFPRTIQELDRFANQILSYGAELDADHPGFKDPVYRARRKQFADIAYNYRHGQPIPRVEYMEEEKKTWGTVFKTLKSL
YKTHACYEYNHIFPLLEKYCGFHEDNIPQLEDVSQFLQTCTGFRLRPVAGLLSSRDFLGGLAFRVFHCTQYIRHGSKPMY
TPEPDICHELLGHVPLFSDRSFAQFSQEIGLASLGAPDEYIEKLATIYWFTVEFGLCKQGDSIKAYGAGLLSSFGELQYC
LSEKPKLLPLELEKTAIQNYTVTEFQPLYYVAESFNDAKEKVRNFAATIPRPFSVRYDPYTQRIEVLDNTQQLKILADSI
NSEIGILCSALQKIK
;
_entity_poly.pdbx_strand_id   A,B
#
loop_
_chem_comp.id
_chem_comp.type
_chem_comp.name
_chem_comp.formula
FE non-polymer 'FE (III) ION' 'Fe 3'
#
# COMPACT_ATOMS: atom_id res chain seq x y z
N VAL A 1 -24.38 -15.42 -0.86
CA VAL A 1 -23.68 -14.48 0.06
C VAL A 1 -23.99 -14.80 1.52
N PRO A 2 -22.96 -15.02 2.34
CA PRO A 2 -23.14 -15.34 3.76
C PRO A 2 -24.05 -14.36 4.47
N TRP A 3 -24.76 -14.84 5.48
CA TRP A 3 -25.66 -13.99 6.25
C TRP A 3 -24.87 -13.20 7.29
N PHE A 4 -25.22 -11.93 7.46
CA PHE A 4 -24.57 -11.07 8.44
C PHE A 4 -25.59 -10.21 9.17
N PRO A 5 -25.30 -9.84 10.43
CA PRO A 5 -26.18 -9.00 11.24
C PRO A 5 -26.37 -7.58 10.72
N ARG A 6 -27.63 -7.17 10.62
CA ARG A 6 -27.96 -5.83 10.14
C ARG A 6 -28.10 -4.91 11.36
N THR A 7 -28.62 -5.47 12.46
CA THR A 7 -28.81 -4.72 13.69
C THR A 7 -27.92 -5.27 14.79
N ILE A 8 -27.65 -4.42 15.77
CA ILE A 8 -26.81 -4.75 16.91
C ILE A 8 -27.45 -5.85 17.77
N GLN A 9 -28.78 -5.88 17.77
CA GLN A 9 -29.51 -6.88 18.54
C GLN A 9 -29.55 -8.22 17.83
N GLU A 10 -29.15 -8.23 16.56
CA GLU A 10 -29.15 -9.44 15.75
C GLU A 10 -27.98 -10.36 16.08
N LEU A 11 -27.12 -9.90 16.99
CA LEU A 11 -25.97 -10.68 17.42
C LEU A 11 -26.43 -11.74 18.41
N ASP A 12 -27.72 -11.72 18.71
CA ASP A 12 -28.31 -12.66 19.64
C ASP A 12 -28.38 -14.04 19.02
N ARG A 13 -28.05 -14.08 17.73
CA ARG A 13 -28.06 -15.31 16.96
C ARG A 13 -26.75 -16.06 17.14
N PHE A 14 -25.71 -15.33 17.52
CA PHE A 14 -24.39 -15.91 17.73
C PHE A 14 -24.45 -16.81 18.98
N ALA A 15 -25.07 -16.29 20.03
CA ALA A 15 -25.21 -17.03 21.28
C ALA A 15 -26.66 -17.46 21.40
N ASN A 16 -27.13 -18.21 20.42
CA ASN A 16 -28.50 -18.69 20.39
C ASN A 16 -28.77 -19.56 21.61
N GLN A 17 -28.09 -20.71 21.66
CA GLN A 17 -28.19 -21.71 22.71
C GLN A 17 -28.10 -22.99 21.88
N ILE A 18 -28.98 -23.10 20.89
CA ILE A 18 -28.98 -24.24 20.01
C ILE A 18 -27.97 -23.84 18.94
N LEU A 19 -27.63 -24.78 18.06
CA LEU A 19 -26.67 -24.51 16.99
C LEU A 19 -25.23 -24.47 17.51
N ASP A 26 -11.97 -31.41 25.35
CA ASP A 26 -10.77 -32.03 24.70
C ASP A 26 -9.70 -32.41 25.73
N ALA A 27 -9.67 -33.70 26.06
CA ALA A 27 -8.73 -34.27 27.03
C ALA A 27 -7.44 -33.49 27.32
N ASP A 28 -6.74 -33.03 26.28
CA ASP A 28 -5.48 -32.30 26.47
C ASP A 28 -5.70 -31.01 27.27
N HIS A 29 -6.95 -30.59 27.37
CA HIS A 29 -7.30 -29.37 28.10
C HIS A 29 -7.14 -29.56 29.60
N PRO A 30 -6.34 -28.69 30.23
CA PRO A 30 -6.11 -28.78 31.69
C PRO A 30 -7.41 -28.50 32.44
N GLY A 31 -7.84 -29.46 33.24
CA GLY A 31 -9.08 -29.31 33.99
C GLY A 31 -10.20 -30.13 33.39
N PHE A 32 -9.87 -30.90 32.36
CA PHE A 32 -10.85 -31.76 31.69
C PHE A 32 -11.34 -32.84 32.64
N LYS A 33 -10.46 -33.25 33.55
CA LYS A 33 -10.79 -34.29 34.52
C LYS A 33 -11.44 -33.71 35.77
N ASP A 34 -11.50 -32.39 35.86
CA ASP A 34 -12.10 -31.73 37.01
C ASP A 34 -13.61 -31.54 36.85
N PRO A 35 -14.40 -32.34 37.58
CA PRO A 35 -15.86 -32.29 37.53
C PRO A 35 -16.45 -30.95 37.97
N VAL A 36 -15.78 -30.25 38.87
CA VAL A 36 -16.25 -28.95 39.36
C VAL A 36 -15.99 -27.90 38.30
N TYR A 37 -14.72 -27.57 38.09
CA TYR A 37 -14.30 -26.57 37.12
C TYR A 37 -15.08 -26.79 35.82
N ARG A 38 -15.27 -28.06 35.49
CA ARG A 38 -16.00 -28.44 34.30
C ARG A 38 -17.40 -27.83 34.33
N ALA A 39 -18.19 -28.26 35.31
CA ALA A 39 -19.56 -27.77 35.47
C ALA A 39 -19.58 -26.27 35.75
N ARG A 40 -18.45 -25.74 36.20
CA ARG A 40 -18.35 -24.32 36.48
C ARG A 40 -18.30 -23.58 35.14
N ARG A 41 -17.48 -24.09 34.22
CA ARG A 41 -17.32 -23.49 32.90
C ARG A 41 -18.56 -23.66 32.05
N LYS A 42 -19.43 -24.58 32.46
CA LYS A 42 -20.68 -24.83 31.74
C LYS A 42 -21.70 -23.86 32.32
N GLN A 43 -21.40 -23.40 33.53
CA GLN A 43 -22.23 -22.44 34.25
C GLN A 43 -22.08 -21.10 33.57
N PHE A 44 -20.82 -20.78 33.25
CA PHE A 44 -20.50 -19.53 32.59
C PHE A 44 -21.13 -19.52 31.20
N ALA A 45 -20.92 -20.59 30.44
CA ALA A 45 -21.46 -20.70 29.09
C ALA A 45 -22.97 -20.47 29.05
N ASP A 46 -23.67 -21.09 29.99
CA ASP A 46 -25.12 -20.96 30.06
C ASP A 46 -25.50 -19.50 30.21
N ILE A 47 -24.69 -18.75 30.96
CA ILE A 47 -24.95 -17.33 31.16
C ILE A 47 -25.01 -16.69 29.78
N ALA A 48 -24.04 -17.06 28.95
CA ALA A 48 -23.93 -16.54 27.59
C ALA A 48 -25.16 -16.88 26.76
N TYR A 49 -25.52 -18.16 26.73
CA TYR A 49 -26.67 -18.61 25.98
C TYR A 49 -27.96 -17.89 26.38
N ASN A 50 -28.03 -17.45 27.63
CA ASN A 50 -29.21 -16.76 28.14
C ASN A 50 -29.13 -15.25 28.00
N TYR A 51 -27.94 -14.75 27.68
CA TYR A 51 -27.77 -13.32 27.54
C TYR A 51 -28.29 -12.74 26.24
N ARG A 52 -29.17 -11.74 26.37
CA ARG A 52 -29.73 -11.07 25.21
C ARG A 52 -29.32 -9.60 25.32
N HIS A 53 -29.00 -9.00 24.18
CA HIS A 53 -28.57 -7.61 24.13
C HIS A 53 -29.54 -6.69 24.86
N GLY A 54 -29.01 -5.61 25.41
CA GLY A 54 -29.83 -4.64 26.12
C GLY A 54 -29.83 -4.79 27.62
N GLN A 55 -29.80 -6.02 28.09
CA GLN A 55 -29.81 -6.29 29.53
C GLN A 55 -28.38 -6.31 30.07
N PRO A 56 -28.20 -5.89 31.33
CA PRO A 56 -26.87 -5.88 31.93
C PRO A 56 -26.24 -7.27 32.04
N ILE A 57 -24.93 -7.36 31.82
CA ILE A 57 -24.23 -8.62 31.92
C ILE A 57 -24.29 -9.11 33.36
N PRO A 58 -24.84 -10.32 33.57
CA PRO A 58 -24.93 -10.87 34.93
C PRO A 58 -23.60 -10.93 35.66
N ARG A 59 -23.61 -10.62 36.95
CA ARG A 59 -22.38 -10.65 37.74
C ARG A 59 -22.17 -12.04 38.32
N VAL A 60 -20.92 -12.37 38.62
CA VAL A 60 -20.60 -13.68 39.16
C VAL A 60 -19.66 -13.59 40.37
N GLU A 61 -19.86 -14.51 41.32
CA GLU A 61 -19.05 -14.56 42.52
C GLU A 61 -17.90 -15.54 42.30
N TYR A 62 -16.79 -15.04 41.78
CA TYR A 62 -15.62 -15.89 41.51
C TYR A 62 -15.06 -16.52 42.76
N MET A 63 -14.48 -17.71 42.62
CA MET A 63 -13.91 -18.44 43.75
C MET A 63 -12.42 -18.16 43.94
N GLU A 64 -11.94 -18.39 45.15
CA GLU A 64 -10.54 -18.16 45.48
C GLU A 64 -9.56 -18.94 44.62
N GLU A 65 -9.90 -20.20 44.36
CA GLU A 65 -9.03 -21.04 43.53
C GLU A 65 -8.88 -20.34 42.20
N GLU A 66 -9.87 -19.51 41.87
CA GLU A 66 -9.88 -18.75 40.62
C GLU A 66 -9.18 -17.41 40.86
N LYS A 67 -9.60 -16.72 41.90
CA LYS A 67 -9.02 -15.42 42.24
C LYS A 67 -7.52 -15.52 42.41
N LYS A 68 -7.04 -16.72 42.75
CA LYS A 68 -5.60 -16.92 42.93
C LYS A 68 -4.95 -16.93 41.56
N THR A 69 -5.57 -17.66 40.63
CA THR A 69 -5.05 -17.74 39.28
C THR A 69 -5.07 -16.36 38.61
N TRP A 70 -6.08 -15.57 38.97
CA TRP A 70 -6.19 -14.23 38.41
C TRP A 70 -5.00 -13.39 38.87
N GLY A 71 -4.76 -13.39 40.18
CA GLY A 71 -3.67 -12.62 40.74
C GLY A 71 -2.30 -13.15 40.35
N THR A 72 -2.22 -14.43 40.00
CA THR A 72 -0.95 -15.02 39.59
C THR A 72 -0.56 -14.48 38.21
N VAL A 73 -1.58 -14.13 37.43
CA VAL A 73 -1.36 -13.59 36.09
C VAL A 73 -1.32 -12.07 36.15
N PHE A 74 -2.11 -11.50 37.07
CA PHE A 74 -2.17 -10.05 37.26
C PHE A 74 -0.87 -9.53 37.85
N LYS A 75 -0.11 -10.43 38.49
CA LYS A 75 1.15 -10.03 39.09
C LYS A 75 2.29 -10.24 38.11
N THR A 76 2.30 -11.42 37.48
CA THR A 76 3.32 -11.77 36.51
C THR A 76 3.39 -10.81 35.33
N LEU A 77 2.24 -10.29 34.91
CA LEU A 77 2.19 -9.38 33.77
C LEU A 77 2.28 -7.89 34.11
N LYS A 78 1.77 -7.52 35.28
CA LYS A 78 1.78 -6.12 35.70
C LYS A 78 3.19 -5.52 35.71
N SER A 79 4.18 -6.38 35.87
CA SER A 79 5.57 -5.94 35.90
C SER A 79 6.11 -5.62 34.51
N LEU A 80 5.75 -6.43 33.53
CA LEU A 80 6.23 -6.25 32.16
C LEU A 80 5.43 -5.30 31.28
N TYR A 81 4.42 -4.62 31.84
CA TYR A 81 3.62 -3.73 31.03
C TYR A 81 4.26 -2.38 30.75
N LYS A 82 4.72 -1.71 31.80
CA LYS A 82 5.37 -0.41 31.62
C LYS A 82 6.62 -0.62 30.78
N THR A 83 7.10 -1.85 30.77
CA THR A 83 8.28 -2.20 30.01
C THR A 83 7.99 -2.54 28.56
N HIS A 84 7.33 -3.67 28.34
CA HIS A 84 7.01 -4.15 27.00
C HIS A 84 5.70 -3.67 26.38
N ALA A 85 4.67 -3.44 27.21
CA ALA A 85 3.37 -2.99 26.69
C ALA A 85 3.43 -1.60 26.05
N CYS A 86 2.52 -1.35 25.12
CA CYS A 86 2.44 -0.08 24.42
C CYS A 86 1.85 1.03 25.29
N TYR A 87 2.13 2.27 24.90
CA TYR A 87 1.66 3.45 25.63
C TYR A 87 0.17 3.46 25.94
N GLU A 88 -0.66 3.37 24.90
CA GLU A 88 -2.11 3.40 25.08
C GLU A 88 -2.55 2.44 26.18
N TYR A 89 -1.75 1.40 26.40
CA TYR A 89 -2.04 0.41 27.43
C TYR A 89 -1.65 0.95 28.80
N ASN A 90 -0.40 1.39 28.90
CA ASN A 90 0.13 1.94 30.15
C ASN A 90 -0.62 3.18 30.60
N HIS A 91 -1.30 3.83 29.66
CA HIS A 91 -2.07 5.04 29.97
C HIS A 91 -3.41 4.71 30.60
N ILE A 92 -4.15 3.80 29.97
CA ILE A 92 -5.47 3.41 30.45
C ILE A 92 -5.49 2.51 31.68
N PHE A 93 -4.45 1.72 31.87
CA PHE A 93 -4.40 0.80 33.01
C PHE A 93 -4.74 1.44 34.35
N PRO A 94 -3.98 2.45 34.78
CA PRO A 94 -4.29 3.06 36.08
C PRO A 94 -5.75 3.50 36.19
N LEU A 95 -6.41 3.68 35.05
CA LEU A 95 -7.81 4.09 35.03
C LEU A 95 -8.69 2.85 35.16
N LEU A 96 -8.20 1.73 34.61
CA LEU A 96 -8.91 0.47 34.68
C LEU A 96 -8.81 -0.03 36.12
N GLU A 97 -7.62 0.11 36.68
CA GLU A 97 -7.37 -0.31 38.06
C GLU A 97 -8.18 0.54 39.02
N LYS A 98 -8.13 1.86 38.82
CA LYS A 98 -8.85 2.79 39.68
C LYS A 98 -10.36 2.79 39.45
N TYR A 99 -10.82 2.22 38.34
CA TYR A 99 -12.25 2.23 38.04
C TYR A 99 -12.98 0.90 37.95
N CYS A 100 -12.53 0.02 37.06
CA CYS A 100 -13.19 -1.27 36.89
C CYS A 100 -12.71 -2.37 37.83
N GLY A 101 -12.11 -1.97 38.95
CA GLY A 101 -11.64 -2.93 39.92
C GLY A 101 -10.54 -3.85 39.42
N PHE A 102 -9.58 -3.29 38.69
CA PHE A 102 -8.46 -4.08 38.17
C PHE A 102 -7.38 -4.20 39.24
N HIS A 103 -7.51 -5.24 40.07
CA HIS A 103 -6.55 -5.51 41.15
C HIS A 103 -6.36 -7.02 41.27
N GLU A 104 -5.15 -7.44 41.62
CA GLU A 104 -4.88 -8.88 41.74
C GLU A 104 -5.75 -9.59 42.76
N ASP A 105 -6.41 -8.83 43.63
CA ASP A 105 -7.24 -9.44 44.66
C ASP A 105 -8.71 -9.61 44.28
N ASN A 106 -9.12 -9.02 43.17
CA ASN A 106 -10.50 -9.12 42.73
C ASN A 106 -10.64 -9.19 41.22
N ILE A 107 -11.44 -10.15 40.73
CA ILE A 107 -11.66 -10.31 39.30
C ILE A 107 -12.73 -9.31 38.86
N PRO A 108 -12.39 -8.46 37.86
CA PRO A 108 -13.30 -7.45 37.35
C PRO A 108 -14.59 -7.98 36.74
N GLN A 109 -15.70 -7.33 37.05
CA GLN A 109 -17.01 -7.72 36.54
C GLN A 109 -17.27 -7.10 35.17
N LEU A 110 -17.64 -7.96 34.22
CA LEU A 110 -17.90 -7.55 32.84
C LEU A 110 -18.85 -6.38 32.68
N GLU A 111 -19.94 -6.36 33.45
CA GLU A 111 -20.89 -5.26 33.36
C GLU A 111 -20.19 -3.93 33.60
N ASP A 112 -19.18 -3.95 34.46
CA ASP A 112 -18.41 -2.76 34.80
C ASP A 112 -17.50 -2.40 33.64
N VAL A 113 -16.69 -3.35 33.21
CA VAL A 113 -15.78 -3.13 32.10
C VAL A 113 -16.54 -2.67 30.86
N SER A 114 -17.61 -3.38 30.53
CA SER A 114 -18.43 -3.03 29.38
C SER A 114 -18.95 -1.60 29.57
N GLN A 115 -19.64 -1.38 30.68
CA GLN A 115 -20.17 -0.05 30.97
C GLN A 115 -19.10 1.02 30.84
N PHE A 116 -17.87 0.64 31.21
CA PHE A 116 -16.73 1.54 31.17
C PHE A 116 -16.31 1.81 29.73
N LEU A 117 -15.87 0.75 29.07
CA LEU A 117 -15.43 0.83 27.68
C LEU A 117 -16.40 1.64 26.82
N GLN A 118 -17.69 1.54 27.12
CA GLN A 118 -18.69 2.24 26.36
C GLN A 118 -18.52 3.75 26.40
N THR A 119 -18.16 4.28 27.56
CA THR A 119 -17.97 5.73 27.70
C THR A 119 -16.66 6.21 27.06
N CYS A 120 -15.73 5.28 26.86
CA CYS A 120 -14.45 5.61 26.25
C CYS A 120 -14.54 5.66 24.73
N THR A 121 -15.01 4.57 24.14
CA THR A 121 -15.12 4.48 22.69
C THR A 121 -16.52 4.08 22.22
N GLY A 122 -17.26 3.40 23.10
CA GLY A 122 -18.60 2.97 22.73
C GLY A 122 -18.67 1.46 22.62
N PHE A 123 -17.52 0.83 22.83
CA PHE A 123 -17.42 -0.63 22.77
C PHE A 123 -18.10 -1.28 23.96
N ARG A 124 -19.05 -2.15 23.69
CA ARG A 124 -19.76 -2.84 24.75
C ARG A 124 -19.31 -4.27 24.72
N LEU A 125 -19.32 -4.92 25.89
CA LEU A 125 -18.90 -6.31 25.95
C LEU A 125 -20.12 -7.21 25.82
N ARG A 126 -19.88 -8.45 25.39
CA ARG A 126 -20.94 -9.43 25.25
C ARG A 126 -20.37 -10.80 25.61
N PRO A 127 -20.95 -11.46 26.63
CA PRO A 127 -20.47 -12.77 27.05
C PRO A 127 -20.72 -13.87 26.02
N VAL A 128 -19.64 -14.44 25.50
CA VAL A 128 -19.73 -15.50 24.51
C VAL A 128 -19.58 -16.86 25.20
N ALA A 129 -20.38 -17.83 24.78
CA ALA A 129 -20.31 -19.17 25.37
C ALA A 129 -18.86 -19.64 25.49
N GLY A 130 -18.21 -19.82 24.35
CA GLY A 130 -16.82 -20.26 24.35
C GLY A 130 -16.05 -19.64 23.21
N LEU A 131 -16.32 -20.11 21.99
CA LEU A 131 -15.64 -19.61 20.80
C LEU A 131 -16.66 -19.47 19.66
N LEU A 132 -16.29 -18.76 18.61
CA LEU A 132 -17.17 -18.59 17.46
C LEU A 132 -16.37 -18.28 16.19
N SER A 133 -17.00 -18.49 15.04
CA SER A 133 -16.37 -18.26 13.75
C SER A 133 -15.75 -16.87 13.64
N SER A 134 -14.76 -16.72 12.76
CA SER A 134 -14.11 -15.44 12.55
C SER A 134 -15.13 -14.47 11.99
N ARG A 135 -16.02 -15.00 11.15
CA ARG A 135 -17.06 -14.20 10.53
C ARG A 135 -17.98 -13.64 11.61
N ASP A 136 -18.30 -14.47 12.59
CA ASP A 136 -19.18 -14.07 13.69
C ASP A 136 -18.49 -13.11 14.64
N PHE A 137 -17.25 -13.44 15.01
CA PHE A 137 -16.47 -12.61 15.89
C PHE A 137 -16.34 -11.22 15.26
N LEU A 138 -15.74 -11.17 14.08
CA LEU A 138 -15.54 -9.92 13.36
C LEU A 138 -16.85 -9.16 13.18
N GLY A 139 -17.94 -9.90 12.95
CA GLY A 139 -19.23 -9.26 12.77
C GLY A 139 -19.64 -8.41 13.96
N GLY A 140 -19.22 -8.82 15.15
CA GLY A 140 -19.55 -8.06 16.33
C GLY A 140 -18.84 -6.74 16.36
N LEU A 141 -17.60 -6.73 15.87
CA LEU A 141 -16.78 -5.53 15.83
C LEU A 141 -17.44 -4.41 15.02
N ALA A 142 -18.24 -4.78 14.03
CA ALA A 142 -18.92 -3.80 13.18
C ALA A 142 -19.86 -2.93 14.00
N PHE A 143 -20.20 -3.41 15.20
CA PHE A 143 -21.12 -2.69 16.08
C PHE A 143 -20.38 -2.25 17.33
N ARG A 144 -19.07 -2.40 17.31
CA ARG A 144 -18.23 -2.03 18.44
C ARG A 144 -18.64 -2.88 19.63
N VAL A 145 -18.90 -4.15 19.34
CA VAL A 145 -19.30 -5.14 20.34
C VAL A 145 -18.23 -6.23 20.41
N PHE A 146 -17.72 -6.48 21.60
CA PHE A 146 -16.69 -7.49 21.79
C PHE A 146 -17.25 -8.72 22.49
N HIS A 147 -17.05 -9.89 21.88
CA HIS A 147 -17.54 -11.14 22.47
C HIS A 147 -16.48 -11.64 23.44
N CYS A 148 -16.75 -11.44 24.72
CA CYS A 148 -15.83 -11.83 25.78
C CYS A 148 -16.22 -13.09 26.56
N THR A 149 -15.21 -13.76 27.09
CA THR A 149 -15.39 -14.98 27.88
C THR A 149 -15.45 -14.60 29.36
N GLN A 150 -16.47 -15.07 30.05
CA GLN A 150 -16.64 -14.77 31.47
C GLN A 150 -15.87 -15.73 32.35
N TYR A 151 -15.53 -16.90 31.80
CA TYR A 151 -14.80 -17.92 32.55
C TYR A 151 -13.29 -17.67 32.70
N ILE A 152 -12.61 -18.64 33.29
CA ILE A 152 -11.17 -18.54 33.52
C ILE A 152 -10.45 -19.89 33.40
N ARG A 153 -9.18 -19.84 33.00
CA ARG A 153 -8.38 -21.04 32.85
C ARG A 153 -8.36 -21.84 34.15
N HIS A 154 -7.90 -23.08 34.08
CA HIS A 154 -7.83 -23.92 35.28
C HIS A 154 -6.57 -23.60 36.06
N GLY A 155 -6.70 -23.59 37.38
CA GLY A 155 -5.57 -23.27 38.25
C GLY A 155 -4.36 -24.18 38.13
N SER A 156 -4.50 -25.34 37.49
CA SER A 156 -3.38 -26.27 37.35
C SER A 156 -2.16 -25.55 36.76
N LYS A 157 -2.36 -24.91 35.61
CA LYS A 157 -1.29 -24.18 34.95
C LYS A 157 -1.75 -22.74 34.72
N PRO A 158 -1.54 -21.87 35.73
CA PRO A 158 -1.93 -20.45 35.70
C PRO A 158 -1.06 -19.61 34.77
N MET A 159 -0.21 -20.26 33.99
CA MET A 159 0.66 -19.54 33.06
C MET A 159 0.41 -20.00 31.63
N TYR A 160 -0.70 -20.69 31.43
CA TYR A 160 -1.05 -21.19 30.10
C TYR A 160 -2.55 -21.42 29.93
N THR A 161 -3.06 -21.02 28.77
CA THR A 161 -4.47 -21.18 28.43
C THR A 161 -4.57 -21.62 26.99
N PRO A 162 -5.34 -22.68 26.71
CA PRO A 162 -5.49 -23.18 25.35
C PRO A 162 -6.45 -22.33 24.52
N GLU A 163 -7.08 -21.36 25.17
CA GLU A 163 -8.03 -20.49 24.51
C GLU A 163 -8.31 -19.26 25.37
N PRO A 164 -9.02 -18.26 24.79
CA PRO A 164 -9.33 -17.03 25.54
C PRO A 164 -10.10 -17.22 26.84
N ASP A 165 -9.58 -16.60 27.91
CA ASP A 165 -10.19 -16.63 29.24
C ASP A 165 -10.31 -15.18 29.70
N ILE A 166 -11.03 -14.95 30.79
CA ILE A 166 -11.21 -13.58 31.30
C ILE A 166 -9.91 -12.79 31.51
N CYS A 167 -8.78 -13.48 31.48
CA CYS A 167 -7.49 -12.82 31.65
C CYS A 167 -7.04 -12.28 30.31
N HIS A 168 -7.09 -13.13 29.29
CA HIS A 168 -6.69 -12.74 27.95
C HIS A 168 -7.56 -11.58 27.45
N GLU A 169 -8.86 -11.68 27.70
CA GLU A 169 -9.80 -10.65 27.27
C GLU A 169 -9.66 -9.35 28.03
N LEU A 170 -9.46 -9.43 29.34
CA LEU A 170 -9.34 -8.23 30.18
C LEU A 170 -7.94 -7.63 30.26
N LEU A 171 -6.92 -8.48 30.37
CA LEU A 171 -5.54 -8.01 30.45
C LEU A 171 -4.85 -8.13 29.10
N GLY A 172 -5.63 -8.01 28.02
CA GLY A 172 -5.05 -8.11 26.70
C GLY A 172 -5.81 -7.34 25.65
N HIS A 173 -7.10 -7.63 25.50
CA HIS A 173 -7.94 -6.96 24.53
C HIS A 173 -8.52 -5.64 25.03
N VAL A 174 -9.29 -5.71 26.12
CA VAL A 174 -9.93 -4.54 26.72
C VAL A 174 -9.16 -3.22 26.70
N PRO A 175 -7.92 -3.21 27.23
CA PRO A 175 -7.16 -1.95 27.25
C PRO A 175 -7.00 -1.29 25.88
N LEU A 176 -6.97 -2.09 24.83
CA LEU A 176 -6.82 -1.55 23.48
C LEU A 176 -8.14 -1.00 22.98
N PHE A 177 -9.24 -1.65 23.38
CA PHE A 177 -10.57 -1.22 22.97
C PHE A 177 -11.01 0.05 23.69
N SER A 178 -10.12 0.58 24.53
CA SER A 178 -10.42 1.79 25.27
C SER A 178 -9.84 2.98 24.50
N ASP A 179 -8.99 2.68 23.53
CA ASP A 179 -8.34 3.69 22.71
C ASP A 179 -9.17 4.07 21.47
N ARG A 180 -9.46 5.36 21.36
CA ARG A 180 -10.25 5.91 20.26
C ARG A 180 -9.87 5.40 18.87
N SER A 181 -8.60 5.51 18.53
CA SER A 181 -8.12 5.10 17.21
C SER A 181 -8.24 3.60 16.98
N PHE A 182 -8.02 2.81 18.03
CA PHE A 182 -8.11 1.36 17.91
C PHE A 182 -9.52 0.87 17.62
N ALA A 183 -10.51 1.46 18.28
CA ALA A 183 -11.90 1.08 18.10
C ALA A 183 -12.34 1.19 16.64
N GLN A 184 -12.18 2.38 16.05
CA GLN A 184 -12.57 2.59 14.66
C GLN A 184 -11.88 1.56 13.79
N PHE A 185 -10.60 1.33 14.09
CA PHE A 185 -9.79 0.36 13.37
C PHE A 185 -10.46 -1.02 13.42
N SER A 186 -10.74 -1.49 14.62
CA SER A 186 -11.39 -2.77 14.81
C SER A 186 -12.70 -2.80 14.02
N GLN A 187 -13.54 -1.79 14.24
CA GLN A 187 -14.81 -1.68 13.57
C GLN A 187 -14.70 -1.82 12.06
N GLU A 188 -13.62 -1.27 11.50
CA GLU A 188 -13.40 -1.33 10.05
C GLU A 188 -13.42 -2.80 9.61
N ILE A 189 -12.63 -3.61 10.30
CA ILE A 189 -12.57 -5.03 9.99
C ILE A 189 -13.97 -5.64 10.07
N GLY A 190 -14.71 -5.25 11.10
CA GLY A 190 -16.06 -5.76 11.27
C GLY A 190 -16.93 -5.42 10.07
N LEU A 191 -16.88 -4.16 9.66
CA LEU A 191 -17.66 -3.70 8.52
C LEU A 191 -17.16 -4.38 7.25
N ALA A 192 -15.88 -4.73 7.24
CA ALA A 192 -15.27 -5.39 6.09
C ALA A 192 -15.82 -6.81 5.95
N SER A 193 -15.69 -7.57 7.03
CA SER A 193 -16.15 -8.96 7.08
C SER A 193 -17.64 -9.15 6.79
N LEU A 194 -18.43 -8.10 6.93
CA LEU A 194 -19.87 -8.22 6.69
C LEU A 194 -20.21 -8.69 5.28
N GLY A 195 -20.58 -9.97 5.18
CA GLY A 195 -20.94 -10.54 3.89
C GLY A 195 -19.77 -10.88 3.01
N ALA A 196 -18.56 -10.80 3.57
CA ALA A 196 -17.35 -11.10 2.81
C ALA A 196 -17.19 -12.59 2.56
N PRO A 197 -16.63 -12.97 1.40
CA PRO A 197 -16.45 -14.39 1.10
C PRO A 197 -15.39 -15.03 1.99
N ASP A 198 -15.62 -16.30 2.32
CA ASP A 198 -14.73 -17.06 3.18
C ASP A 198 -13.23 -16.75 3.05
N GLU A 199 -12.71 -16.83 1.83
CA GLU A 199 -11.29 -16.56 1.60
C GLU A 199 -10.84 -15.28 2.25
N TYR A 200 -11.63 -14.22 2.10
CA TYR A 200 -11.28 -12.93 2.69
C TYR A 200 -11.56 -12.89 4.18
N ILE A 201 -12.57 -13.64 4.60
CA ILE A 201 -12.92 -13.70 6.02
C ILE A 201 -11.70 -14.25 6.75
N GLU A 202 -11.17 -15.36 6.23
CA GLU A 202 -10.00 -16.01 6.80
C GLU A 202 -8.80 -15.09 6.74
N LYS A 203 -8.69 -14.33 5.64
CA LYS A 203 -7.59 -13.39 5.45
C LYS A 203 -7.64 -12.31 6.53
N LEU A 204 -8.84 -11.79 6.80
CA LEU A 204 -9.02 -10.76 7.81
C LEU A 204 -8.66 -11.33 9.18
N ALA A 205 -9.13 -12.53 9.47
CA ALA A 205 -8.83 -13.18 10.74
C ALA A 205 -7.31 -13.19 10.90
N THR A 206 -6.63 -13.66 9.87
CA THR A 206 -5.17 -13.72 9.88
C THR A 206 -4.57 -12.35 10.17
N ILE A 207 -5.18 -11.30 9.61
CA ILE A 207 -4.71 -9.94 9.84
C ILE A 207 -4.98 -9.59 11.29
N TYR A 208 -6.21 -9.88 11.73
CA TYR A 208 -6.64 -9.64 13.10
C TYR A 208 -5.61 -10.20 14.07
N TRP A 209 -5.00 -11.31 13.67
CA TRP A 209 -3.98 -11.98 14.47
C TRP A 209 -2.73 -11.12 14.57
N PHE A 210 -2.05 -10.96 13.43
CA PHE A 210 -0.81 -10.17 13.38
C PHE A 210 -1.01 -8.69 13.69
N THR A 211 -2.15 -8.36 14.29
CA THR A 211 -2.47 -6.99 14.65
C THR A 211 -3.01 -6.93 16.06
N VAL A 212 -4.29 -7.30 16.18
CA VAL A 212 -4.97 -7.29 17.47
C VAL A 212 -4.44 -8.33 18.44
N GLU A 213 -4.24 -9.54 17.95
CA GLU A 213 -3.75 -10.64 18.78
C GLU A 213 -2.26 -10.61 19.05
N PHE A 214 -1.46 -10.61 17.98
CA PHE A 214 0.00 -10.60 18.12
C PHE A 214 0.68 -9.53 17.28
N GLY A 215 0.27 -8.28 17.48
CA GLY A 215 0.85 -7.19 16.71
C GLY A 215 1.78 -6.35 17.55
N LEU A 216 2.69 -5.64 16.88
CA LEU A 216 3.64 -4.76 17.55
C LEU A 216 3.52 -3.39 16.92
N CYS A 217 3.47 -2.34 17.74
CA CYS A 217 3.34 -0.98 17.24
C CYS A 217 4.62 -0.17 17.27
N LYS A 218 4.52 1.06 16.77
CA LYS A 218 5.65 1.98 16.72
C LYS A 218 5.50 3.12 17.73
N GLN A 219 6.49 3.23 18.62
CA GLN A 219 6.47 4.29 19.63
C GLN A 219 7.73 5.14 19.56
N GLY A 220 7.88 5.87 18.47
CA GLY A 220 9.04 6.72 18.28
C GLY A 220 10.10 6.00 17.45
N ASP A 221 11.00 5.30 18.14
CA ASP A 221 12.05 4.56 17.47
C ASP A 221 11.89 3.09 17.86
N SER A 222 11.58 2.90 19.14
CA SER A 222 11.40 1.57 19.71
C SER A 222 10.08 0.93 19.31
N ILE A 223 9.98 -0.36 19.61
CA ILE A 223 8.78 -1.14 19.31
C ILE A 223 8.15 -1.66 20.59
N LYS A 224 6.83 -1.54 20.67
CA LYS A 224 6.09 -2.00 21.83
C LYS A 224 5.09 -3.08 21.43
N ALA A 225 4.58 -3.81 22.41
CA ALA A 225 3.61 -4.87 22.15
C ALA A 225 2.21 -4.37 22.43
N TYR A 226 1.32 -4.52 21.46
CA TYR A 226 -0.06 -4.10 21.62
C TYR A 226 -1.01 -5.26 21.33
N GLY A 227 -0.42 -6.39 20.94
CA GLY A 227 -1.20 -7.58 20.66
C GLY A 227 -1.84 -8.11 21.93
N ALA A 228 -3.11 -8.51 21.83
CA ALA A 228 -3.85 -9.02 22.96
C ALA A 228 -3.29 -10.36 23.42
N GLY A 229 -2.88 -11.19 22.46
CA GLY A 229 -2.33 -12.48 22.79
C GLY A 229 -0.97 -12.34 23.45
N LEU A 230 -0.28 -11.24 23.12
CA LEU A 230 1.04 -10.96 23.68
C LEU A 230 0.94 -10.47 25.12
N LEU A 231 0.10 -9.47 25.33
CA LEU A 231 -0.09 -8.87 26.65
C LEU A 231 -0.61 -9.82 27.72
N SER A 232 -1.44 -10.79 27.33
CA SER A 232 -1.99 -11.74 28.29
C SER A 232 -1.06 -12.93 28.50
N SER A 233 -0.08 -13.07 27.62
CA SER A 233 0.87 -14.18 27.70
C SER A 233 2.24 -13.70 28.18
N PHE A 234 2.64 -14.18 29.36
CA PHE A 234 3.92 -13.80 29.96
C PHE A 234 5.15 -14.21 29.17
N GLY A 235 5.17 -15.45 28.69
CA GLY A 235 6.31 -15.94 27.95
C GLY A 235 6.60 -15.26 26.62
N GLU A 236 5.54 -14.85 25.92
CA GLU A 236 5.72 -14.20 24.62
C GLU A 236 5.85 -12.70 24.73
N LEU A 237 5.46 -12.14 25.87
CA LEU A 237 5.55 -10.71 26.09
C LEU A 237 7.01 -10.27 26.06
N GLN A 238 7.88 -11.09 26.64
CA GLN A 238 9.30 -10.80 26.67
C GLN A 238 10.00 -11.30 25.41
N TYR A 239 9.40 -12.28 24.75
CA TYR A 239 9.98 -12.85 23.54
C TYR A 239 9.85 -11.96 22.31
N CYS A 240 8.65 -11.39 22.13
CA CYS A 240 8.37 -10.54 20.99
C CYS A 240 9.17 -9.23 21.03
N LEU A 241 9.63 -8.86 22.23
CA LEU A 241 10.39 -7.63 22.41
C LEU A 241 11.89 -7.81 22.22
N SER A 242 12.33 -9.06 22.13
CA SER A 242 13.75 -9.35 21.95
C SER A 242 14.20 -9.30 20.50
N GLU A 243 15.47 -9.59 20.26
CA GLU A 243 16.04 -9.58 18.92
C GLU A 243 16.20 -10.98 18.35
N LYS A 244 15.17 -11.80 18.53
CA LYS A 244 15.18 -13.17 18.02
C LYS A 244 14.25 -13.31 16.82
N PRO A 245 13.04 -12.71 16.90
CA PRO A 245 12.07 -12.80 15.79
C PRO A 245 12.43 -11.84 14.65
N LYS A 246 12.07 -12.21 13.43
CA LYS A 246 12.36 -11.37 12.27
C LYS A 246 11.17 -10.47 11.95
N LEU A 247 11.23 -9.24 12.44
CA LEU A 247 10.17 -8.25 12.25
C LEU A 247 10.00 -7.83 10.81
N LEU A 248 8.76 -7.45 10.49
CA LEU A 248 8.41 -7.00 9.15
C LEU A 248 7.37 -5.88 9.25
N PRO A 249 7.18 -5.11 8.17
CA PRO A 249 6.21 -4.00 8.20
C PRO A 249 4.77 -4.47 8.00
N LEU A 250 3.85 -3.79 8.69
CA LEU A 250 2.45 -4.14 8.58
C LEU A 250 1.99 -3.85 7.16
N GLU A 251 1.99 -4.88 6.32
CA GLU A 251 1.57 -4.77 4.93
C GLU A 251 0.47 -5.80 4.67
N LEU A 252 -0.77 -5.41 4.93
CA LEU A 252 -1.93 -6.28 4.77
C LEU A 252 -1.96 -7.12 3.48
N GLU A 253 -1.23 -6.68 2.46
CA GLU A 253 -1.21 -7.43 1.21
C GLU A 253 -0.56 -8.78 1.38
N LYS A 254 0.67 -8.79 1.90
CA LYS A 254 1.41 -10.01 2.12
C LYS A 254 1.27 -10.56 3.54
N THR A 255 0.44 -9.89 4.34
CA THR A 255 0.24 -10.33 5.72
C THR A 255 -0.88 -11.36 5.80
N ALA A 256 -1.85 -11.24 4.89
CA ALA A 256 -2.98 -12.16 4.85
C ALA A 256 -2.59 -13.54 4.32
N ILE A 257 -1.56 -13.58 3.50
CA ILE A 257 -1.08 -14.83 2.94
C ILE A 257 -0.32 -15.64 3.99
N GLN A 258 0.41 -14.91 4.83
CA GLN A 258 1.22 -15.50 5.89
C GLN A 258 0.53 -16.58 6.73
N ASN A 259 1.15 -17.75 6.81
CA ASN A 259 0.63 -18.87 7.59
C ASN A 259 1.29 -18.90 8.96
N TYR A 260 0.50 -19.14 10.01
CA TYR A 260 1.03 -19.18 11.37
C TYR A 260 0.61 -20.40 12.20
N THR A 261 1.35 -20.63 13.28
CA THR A 261 1.07 -21.75 14.18
C THR A 261 0.14 -21.26 15.29
N VAL A 262 -0.64 -22.17 15.84
CA VAL A 262 -1.59 -21.81 16.89
C VAL A 262 -1.06 -22.06 18.31
N THR A 263 -0.40 -23.19 18.49
CA THR A 263 0.11 -23.57 19.81
C THR A 263 1.43 -22.94 20.24
N GLU A 264 2.16 -22.35 19.32
CA GLU A 264 3.45 -21.76 19.69
C GLU A 264 3.73 -20.35 19.21
N PHE A 265 4.93 -19.87 19.53
CA PHE A 265 5.38 -18.52 19.19
C PHE A 265 5.59 -18.29 17.70
N GLN A 266 5.28 -17.08 17.25
CA GLN A 266 5.41 -16.70 15.84
C GLN A 266 6.69 -15.89 15.60
N PRO A 267 7.54 -16.34 14.66
CA PRO A 267 8.78 -15.62 14.38
C PRO A 267 8.47 -14.28 13.71
N LEU A 268 7.27 -14.19 13.13
CA LEU A 268 6.83 -12.99 12.45
C LEU A 268 5.86 -12.17 13.31
N TYR A 269 6.15 -10.87 13.42
CA TYR A 269 5.33 -9.92 14.17
C TYR A 269 5.34 -8.64 13.35
N TYR A 270 4.27 -8.40 12.59
CA TYR A 270 4.18 -7.20 11.76
C TYR A 270 4.11 -5.91 12.56
N VAL A 271 5.07 -5.02 12.32
CA VAL A 271 5.16 -3.75 13.03
C VAL A 271 4.35 -2.63 12.36
N ALA A 272 3.24 -2.26 13.01
CA ALA A 272 2.38 -1.20 12.50
C ALA A 272 2.85 0.15 13.03
N GLU A 273 2.78 1.17 12.18
CA GLU A 273 3.19 2.51 12.57
C GLU A 273 2.27 2.95 13.70
N SER A 274 0.98 2.89 13.45
CA SER A 274 -0.04 3.28 14.42
C SER A 274 -1.36 2.60 14.09
N PHE A 275 -2.30 2.66 15.03
CA PHE A 275 -3.61 2.06 14.82
C PHE A 275 -4.37 2.93 13.83
N ASN A 276 -4.09 4.23 13.89
CA ASN A 276 -4.72 5.20 13.00
C ASN A 276 -4.22 4.91 11.59
N ASP A 277 -2.99 4.44 11.49
CA ASP A 277 -2.40 4.13 10.20
C ASP A 277 -3.00 2.89 9.57
N ALA A 278 -3.10 1.83 10.37
CA ALA A 278 -3.64 0.57 9.91
C ALA A 278 -5.10 0.64 9.49
N LYS A 279 -5.91 1.36 10.28
CA LYS A 279 -7.33 1.51 9.99
C LYS A 279 -7.58 1.79 8.52
N GLU A 280 -6.71 2.59 7.91
CA GLU A 280 -6.82 2.92 6.50
C GLU A 280 -6.49 1.71 5.66
N LYS A 281 -5.43 1.00 6.03
CA LYS A 281 -5.01 -0.19 5.32
C LYS A 281 -6.17 -1.18 5.24
N VAL A 282 -7.14 -1.01 6.13
CA VAL A 282 -8.32 -1.87 6.19
C VAL A 282 -9.47 -1.26 5.40
N ARG A 283 -9.62 0.05 5.48
CA ARG A 283 -10.68 0.76 4.76
C ARG A 283 -10.66 0.38 3.29
N ASN A 284 -9.52 0.61 2.65
CA ASN A 284 -9.34 0.31 1.24
C ASN A 284 -9.39 -1.20 0.96
N PHE A 285 -8.71 -1.97 1.79
CA PHE A 285 -8.69 -3.43 1.64
C PHE A 285 -10.13 -3.91 1.51
N ALA A 286 -11.05 -3.18 2.11
CA ALA A 286 -12.46 -3.54 2.06
C ALA A 286 -12.99 -3.32 0.64
N ALA A 287 -12.53 -2.24 0.01
CA ALA A 287 -12.95 -1.92 -1.35
C ALA A 287 -12.39 -2.95 -2.30
N THR A 288 -11.24 -3.50 -1.93
CA THR A 288 -10.57 -4.52 -2.73
C THR A 288 -11.20 -5.90 -2.47
N ILE A 289 -12.25 -5.92 -1.65
CA ILE A 289 -12.93 -7.17 -1.33
C ILE A 289 -14.15 -7.36 -2.23
N PRO A 290 -14.25 -8.53 -2.88
CA PRO A 290 -15.36 -8.84 -3.77
C PRO A 290 -16.69 -8.96 -3.02
N ARG A 291 -17.49 -7.90 -3.09
CA ARG A 291 -18.78 -7.87 -2.42
C ARG A 291 -19.81 -7.18 -3.32
N PRO A 292 -20.86 -7.90 -3.70
CA PRO A 292 -21.90 -7.32 -4.57
C PRO A 292 -22.66 -6.20 -3.89
N PHE A 293 -22.00 -5.52 -2.95
CA PHE A 293 -22.61 -4.44 -2.19
C PHE A 293 -21.55 -3.78 -1.31
N SER A 294 -21.99 -2.81 -0.51
CA SER A 294 -21.10 -2.09 0.41
C SER A 294 -21.92 -1.81 1.67
N VAL A 295 -21.30 -1.90 2.83
CA VAL A 295 -22.00 -1.66 4.09
C VAL A 295 -21.72 -0.28 4.69
N ARG A 296 -22.63 0.16 5.55
CA ARG A 296 -22.51 1.47 6.19
C ARG A 296 -23.18 1.45 7.57
N TYR A 297 -22.40 1.66 8.62
CA TYR A 297 -22.95 1.64 9.97
C TYR A 297 -23.49 2.99 10.45
N ASP A 298 -24.63 2.93 11.14
CA ASP A 298 -25.29 4.12 11.69
C ASP A 298 -25.32 3.99 13.22
N PRO A 299 -24.39 4.67 13.91
CA PRO A 299 -24.32 4.61 15.37
C PRO A 299 -25.55 5.21 16.05
N TYR A 300 -26.27 6.07 15.33
CA TYR A 300 -27.46 6.71 15.86
C TYR A 300 -28.64 5.74 16.00
N THR A 301 -28.72 4.76 15.10
CA THR A 301 -29.77 3.75 15.15
C THR A 301 -29.20 2.35 15.36
N GLN A 302 -27.89 2.28 15.59
CA GLN A 302 -27.20 1.01 15.80
C GLN A 302 -27.66 0.05 14.73
N ARG A 303 -27.57 0.48 13.49
CA ARG A 303 -28.01 -0.33 12.37
C ARG A 303 -27.04 -0.27 11.19
N ILE A 304 -26.89 -1.40 10.52
CA ILE A 304 -26.01 -1.46 9.36
C ILE A 304 -26.89 -1.22 8.13
N GLU A 305 -26.36 -0.48 7.15
CA GLU A 305 -27.10 -0.23 5.91
C GLU A 305 -26.35 -0.89 4.77
N VAL A 306 -27.07 -1.61 3.92
CA VAL A 306 -26.45 -2.31 2.79
C VAL A 306 -26.65 -1.52 1.50
N LEU A 307 -25.55 -1.09 0.90
CA LEU A 307 -25.61 -0.30 -0.32
C LEU A 307 -25.22 -1.08 -1.57
N ASP A 308 -25.71 -0.58 -2.71
CA ASP A 308 -25.43 -1.18 -4.01
C ASP A 308 -24.28 -0.42 -4.65
N ASN A 309 -23.15 -1.11 -4.83
CA ASN A 309 -21.94 -0.55 -5.41
C ASN A 309 -22.15 0.74 -6.23
N THR A 310 -23.18 0.76 -7.07
CA THR A 310 -23.48 1.92 -7.91
C THR A 310 -23.89 3.14 -7.11
N GLN A 311 -24.85 2.95 -6.21
CA GLN A 311 -25.34 4.02 -5.36
C GLN A 311 -24.26 4.34 -4.35
N GLN A 312 -23.42 3.34 -4.05
CA GLN A 312 -22.33 3.53 -3.11
C GLN A 312 -21.34 4.48 -3.77
N LEU A 313 -21.16 4.30 -5.07
CA LEU A 313 -20.27 5.12 -5.91
C LEU A 313 -20.74 6.56 -5.80
N LYS A 314 -22.01 6.77 -6.13
CA LYS A 314 -22.63 8.08 -6.08
C LYS A 314 -22.50 8.70 -4.70
N ILE A 315 -22.65 7.87 -3.66
CA ILE A 315 -22.53 8.35 -2.28
C ILE A 315 -21.14 8.92 -2.03
N LEU A 316 -20.12 8.22 -2.49
CA LEU A 316 -18.75 8.67 -2.32
C LEU A 316 -18.57 10.02 -3.02
N ALA A 317 -19.03 10.09 -4.27
CA ALA A 317 -18.92 11.31 -5.06
C ALA A 317 -19.42 12.52 -4.27
N ASP A 318 -20.67 12.47 -3.83
CA ASP A 318 -21.27 13.56 -3.06
C ASP A 318 -20.43 13.88 -1.84
N SER A 319 -20.03 12.83 -1.12
CA SER A 319 -19.22 13.00 0.09
C SER A 319 -17.96 13.79 -0.20
N ILE A 320 -17.25 13.39 -1.25
CA ILE A 320 -16.02 14.08 -1.63
C ILE A 320 -16.34 15.51 -2.03
N ASN A 321 -17.21 15.64 -3.02
CA ASN A 321 -17.63 16.93 -3.53
C ASN A 321 -17.97 17.91 -2.41
N SER A 322 -18.55 17.40 -1.33
CA SER A 322 -18.92 18.23 -0.19
C SER A 322 -17.70 18.66 0.63
N GLU A 323 -16.98 17.68 1.14
CA GLU A 323 -15.79 17.91 1.96
C GLU A 323 -14.82 18.93 1.37
N ILE A 324 -14.63 18.86 0.05
CA ILE A 324 -13.71 19.76 -0.63
C ILE A 324 -14.16 21.22 -0.60
N GLY A 325 -15.44 21.46 -0.90
CA GLY A 325 -15.94 22.82 -0.88
C GLY A 325 -15.73 23.47 0.47
N ILE A 326 -15.91 22.68 1.52
CA ILE A 326 -15.73 23.16 2.88
C ILE A 326 -14.26 23.44 3.09
N LEU A 327 -13.42 22.57 2.52
CA LEU A 327 -11.97 22.71 2.59
C LEU A 327 -11.62 24.00 1.88
N CYS A 328 -12.48 24.38 0.93
CA CYS A 328 -12.30 25.62 0.17
C CYS A 328 -12.65 26.80 1.06
N SER A 329 -13.82 26.73 1.69
CA SER A 329 -14.28 27.80 2.57
C SER A 329 -13.32 27.96 3.75
N ALA A 330 -12.87 26.83 4.30
CA ALA A 330 -11.94 26.84 5.43
C ALA A 330 -10.70 27.68 5.10
N LEU A 331 -10.18 27.48 3.88
CA LEU A 331 -8.99 28.20 3.44
C LEU A 331 -9.24 29.70 3.37
N GLN A 332 -10.39 30.08 2.84
CA GLN A 332 -10.75 31.49 2.68
C GLN A 332 -10.66 32.33 3.96
N LYS A 333 -11.23 31.85 5.05
CA LYS A 333 -11.21 32.59 6.31
C LYS A 333 -9.85 32.58 6.98
N ILE A 334 -9.08 31.52 6.76
CA ILE A 334 -7.76 31.41 7.35
C ILE A 334 -6.75 32.23 6.53
N LYS A 335 -7.26 33.21 5.81
CA LYS A 335 -6.45 34.11 4.98
C LYS A 335 -5.60 33.43 3.89
N VAL B 1 18.93 23.64 -0.54
CA VAL B 1 18.00 22.88 -1.43
C VAL B 1 18.41 22.99 -2.90
N PRO B 2 18.61 21.84 -3.57
CA PRO B 2 19.00 21.83 -4.99
C PRO B 2 18.11 22.69 -5.86
N TRP B 3 18.69 23.24 -6.92
CA TRP B 3 17.92 24.08 -7.84
C TRP B 3 17.16 23.20 -8.82
N PHE B 4 15.92 23.60 -9.12
CA PHE B 4 15.08 22.87 -10.05
C PHE B 4 14.30 23.83 -10.95
N PRO B 5 14.00 23.40 -12.18
CA PRO B 5 13.26 24.22 -13.15
C PRO B 5 11.83 24.55 -12.73
N ARG B 6 11.47 25.82 -12.80
CA ARG B 6 10.13 26.27 -12.46
C ARG B 6 9.29 26.31 -13.73
N THR B 7 9.93 26.66 -14.84
CA THR B 7 9.26 26.73 -16.14
C THR B 7 9.79 25.66 -17.08
N ILE B 8 8.97 25.33 -18.07
CA ILE B 8 9.32 24.32 -19.06
C ILE B 8 10.50 24.78 -19.91
N GLN B 9 10.60 26.10 -20.10
CA GLN B 9 11.68 26.67 -20.90
C GLN B 9 12.99 26.73 -20.12
N GLU B 10 12.90 26.51 -18.81
CA GLU B 10 14.08 26.54 -17.95
C GLU B 10 14.93 25.29 -18.09
N LEU B 11 14.47 24.35 -18.90
CA LEU B 11 15.20 23.12 -19.14
C LEU B 11 16.34 23.39 -20.12
N ASP B 12 16.41 24.65 -20.56
CA ASP B 12 17.43 25.06 -21.52
C ASP B 12 18.83 25.07 -20.87
N ARG B 13 18.92 24.65 -19.62
CA ARG B 13 20.20 24.64 -18.94
C ARG B 13 20.91 23.30 -19.09
N ALA B 27 37.72 4.55 -25.13
CA ALA B 27 38.00 3.87 -26.43
C ALA B 27 37.24 2.56 -26.53
N ASP B 28 36.81 2.03 -25.40
CA ASP B 28 36.06 0.77 -25.39
C ASP B 28 34.79 0.91 -26.22
N HIS B 29 34.39 2.15 -26.50
CA HIS B 29 33.20 2.44 -27.27
C HIS B 29 33.37 2.06 -28.74
N PRO B 30 32.48 1.20 -29.26
CA PRO B 30 32.58 0.78 -30.66
C PRO B 30 32.32 1.97 -31.59
N GLY B 31 33.31 2.26 -32.44
CA GLY B 31 33.19 3.39 -33.35
C GLY B 31 34.05 4.55 -32.91
N PHE B 32 34.81 4.35 -31.84
CA PHE B 32 35.69 5.37 -31.30
C PHE B 32 36.79 5.69 -32.31
N LYS B 33 37.17 4.68 -33.09
CA LYS B 33 38.21 4.83 -34.09
C LYS B 33 37.66 5.33 -35.42
N ASP B 34 36.34 5.43 -35.53
CA ASP B 34 35.70 5.89 -36.75
C ASP B 34 35.58 7.40 -36.80
N PRO B 35 36.38 8.06 -37.64
CA PRO B 35 36.37 9.53 -37.79
C PRO B 35 35.06 10.08 -38.30
N VAL B 36 34.34 9.30 -39.12
CA VAL B 36 33.07 9.75 -39.67
C VAL B 36 31.99 9.67 -38.58
N TYR B 37 31.62 8.45 -38.22
CA TYR B 37 30.62 8.21 -37.19
C TYR B 37 30.85 9.14 -36.00
N ARG B 38 32.13 9.35 -35.69
CA ARG B 38 32.53 10.22 -34.62
C ARG B 38 31.96 11.63 -34.85
N ALA B 39 32.41 12.25 -35.94
CA ALA B 39 31.97 13.59 -36.29
C ALA B 39 30.48 13.63 -36.57
N ARG B 40 29.92 12.46 -36.86
CA ARG B 40 28.48 12.36 -37.12
C ARG B 40 27.75 12.53 -35.79
N ARG B 41 28.21 11.81 -34.78
CA ARG B 41 27.62 11.86 -33.45
C ARG B 41 27.83 13.21 -32.78
N LYS B 42 28.78 13.99 -33.30
CA LYS B 42 29.07 15.32 -32.78
C LYS B 42 28.12 16.27 -33.50
N GLN B 43 27.66 15.82 -34.64
CA GLN B 43 26.74 16.56 -35.48
C GLN B 43 25.39 16.55 -34.78
N PHE B 44 25.02 15.37 -34.30
CA PHE B 44 23.76 15.18 -33.60
C PHE B 44 23.78 16.00 -32.31
N ALA B 45 24.83 15.85 -31.52
CA ALA B 45 24.96 16.57 -30.26
C ALA B 45 24.78 18.08 -30.43
N ASP B 46 25.43 18.63 -31.47
CA ASP B 46 25.34 20.06 -31.74
C ASP B 46 23.88 20.46 -31.95
N ILE B 47 23.12 19.58 -32.59
CA ILE B 47 21.70 19.86 -32.82
C ILE B 47 21.07 20.13 -31.46
N ALA B 48 21.39 19.26 -30.50
CA ALA B 48 20.89 19.36 -29.13
C ALA B 48 21.26 20.68 -28.49
N TYR B 49 22.54 21.00 -28.51
CA TYR B 49 23.03 22.24 -27.91
C TYR B 49 22.36 23.48 -28.50
N ASN B 50 21.92 23.38 -29.74
CA ASN B 50 21.27 24.50 -30.40
C ASN B 50 19.76 24.49 -30.26
N TYR B 51 19.22 23.38 -29.79
CA TYR B 51 17.78 23.26 -29.63
C TYR B 51 17.21 23.99 -28.41
N ARG B 52 16.24 24.86 -28.68
CA ARG B 52 15.58 25.60 -27.61
C ARG B 52 14.10 25.23 -27.67
N HIS B 53 13.50 25.08 -26.50
CA HIS B 53 12.09 24.72 -26.41
C HIS B 53 11.20 25.61 -27.26
N GLY B 54 10.10 25.04 -27.74
CA GLY B 54 9.17 25.79 -28.56
C GLY B 54 9.31 25.58 -30.05
N GLN B 55 10.55 25.43 -30.52
CA GLN B 55 10.81 25.22 -31.93
C GLN B 55 10.80 23.74 -32.26
N PRO B 56 10.38 23.39 -33.49
CA PRO B 56 10.33 21.99 -33.90
C PRO B 56 11.69 21.32 -33.93
N ILE B 57 11.74 20.06 -33.53
CA ILE B 57 12.99 19.30 -33.51
C ILE B 57 13.48 19.15 -34.94
N PRO B 58 14.70 19.62 -35.22
CA PRO B 58 15.25 19.51 -36.58
C PRO B 58 15.27 18.08 -37.12
N ARG B 59 14.95 17.92 -38.39
CA ARG B 59 14.95 16.60 -39.01
C ARG B 59 16.34 16.27 -39.55
N VAL B 60 16.64 14.99 -39.68
CA VAL B 60 17.94 14.55 -40.16
C VAL B 60 17.82 13.46 -41.22
N GLU B 61 18.75 13.50 -42.18
CA GLU B 61 18.77 12.52 -43.27
C GLU B 61 19.72 11.39 -42.88
N TYR B 62 19.19 10.37 -42.21
CA TYR B 62 19.99 9.23 -41.76
C TYR B 62 20.61 8.47 -42.94
N MET B 63 21.77 7.89 -42.71
CA MET B 63 22.49 7.14 -43.75
C MET B 63 22.16 5.65 -43.72
N GLU B 64 22.38 4.99 -44.86
CA GLU B 64 22.10 3.57 -45.00
C GLU B 64 22.87 2.71 -44.01
N GLU B 65 24.13 3.04 -43.79
CA GLU B 65 24.94 2.27 -42.85
C GLU B 65 24.22 2.33 -41.49
N GLU B 66 23.43 3.38 -41.31
CA GLU B 66 22.66 3.59 -40.09
C GLU B 66 21.31 2.90 -40.22
N LYS B 67 20.62 3.19 -41.32
CA LYS B 67 19.31 2.60 -41.59
C LYS B 67 19.36 1.08 -41.55
N LYS B 68 20.54 0.52 -41.82
CA LYS B 68 20.71 -0.92 -41.79
C LYS B 68 20.68 -1.39 -40.35
N THR B 69 21.43 -0.67 -39.51
CA THR B 69 21.51 -0.99 -38.10
C THR B 69 20.13 -0.84 -37.46
N TRP B 70 19.37 0.13 -37.94
CA TRP B 70 18.03 0.37 -37.42
C TRP B 70 17.15 -0.84 -37.72
N GLY B 71 17.15 -1.26 -38.98
CA GLY B 71 16.36 -2.39 -39.39
C GLY B 71 16.84 -3.71 -38.80
N THR B 72 18.11 -3.78 -38.44
CA THR B 72 18.66 -5.01 -37.86
C THR B 72 18.12 -5.17 -36.45
N VAL B 73 17.79 -4.05 -35.81
CA VAL B 73 17.25 -4.06 -34.45
C VAL B 73 15.72 -4.06 -34.52
N PHE B 74 15.18 -3.39 -35.54
CA PHE B 74 13.74 -3.31 -35.74
C PHE B 74 13.17 -4.67 -36.15
N LYS B 75 14.04 -5.54 -36.67
CA LYS B 75 13.61 -6.87 -37.10
C LYS B 75 13.79 -7.86 -35.96
N THR B 76 14.95 -7.82 -35.33
CA THR B 76 15.28 -8.71 -34.23
C THR B 76 14.32 -8.59 -33.05
N LEU B 77 13.83 -7.38 -32.80
CA LEU B 77 12.92 -7.14 -31.68
C LEU B 77 11.43 -7.21 -32.02
N LYS B 78 11.07 -6.87 -33.26
CA LYS B 78 9.68 -6.90 -33.69
C LYS B 78 9.04 -8.27 -33.50
N SER B 79 9.87 -9.31 -33.52
CA SER B 79 9.38 -10.67 -33.37
C SER B 79 9.04 -11.02 -31.91
N LEU B 80 9.86 -10.54 -30.98
CA LEU B 80 9.66 -10.82 -29.56
C LEU B 80 8.74 -9.87 -28.80
N TYR B 81 8.10 -8.93 -29.49
CA TYR B 81 7.23 -7.99 -28.80
C TYR B 81 5.86 -8.56 -28.45
N LYS B 82 5.17 -9.13 -29.43
CA LYS B 82 3.85 -9.71 -29.17
C LYS B 82 4.03 -10.84 -28.16
N THR B 83 5.25 -11.35 -28.08
CA THR B 83 5.56 -12.43 -27.17
C THR B 83 5.90 -11.95 -25.76
N HIS B 84 7.05 -11.29 -25.65
CA HIS B 84 7.54 -10.81 -24.36
C HIS B 84 7.10 -9.40 -23.92
N ALA B 85 6.90 -8.50 -24.88
CA ALA B 85 6.50 -7.13 -24.55
C ALA B 85 5.10 -7.06 -23.93
N CYS B 86 4.88 -6.01 -23.12
CA CYS B 86 3.60 -5.82 -22.44
C CYS B 86 2.52 -5.32 -23.39
N TYR B 87 1.26 -5.49 -22.98
CA TYR B 87 0.11 -5.10 -23.77
C TYR B 87 0.14 -3.66 -24.29
N GLU B 88 0.25 -2.70 -23.37
CA GLU B 88 0.28 -1.29 -23.75
C GLU B 88 1.25 -1.04 -24.90
N TYR B 89 2.26 -1.89 -24.99
CA TYR B 89 3.26 -1.78 -26.04
C TYR B 89 2.71 -2.33 -27.35
N ASN B 90 2.24 -3.58 -27.29
CA ASN B 90 1.68 -4.25 -28.45
C ASN B 90 0.46 -3.53 -29.00
N HIS B 91 -0.18 -2.71 -28.16
CA HIS B 91 -1.36 -1.96 -28.59
C HIS B 91 -0.99 -0.72 -29.40
N ILE B 92 -0.06 0.05 -28.87
CA ILE B 92 0.37 1.28 -29.53
C ILE B 92 1.26 1.12 -30.75
N PHE B 93 2.03 0.03 -30.79
CA PHE B 93 2.94 -0.21 -31.90
C PHE B 93 2.32 -0.03 -33.29
N PRO B 94 1.28 -0.82 -33.60
CA PRO B 94 0.69 -0.66 -34.93
C PRO B 94 0.29 0.78 -35.26
N LEU B 95 0.13 1.60 -34.21
CA LEU B 95 -0.24 3.01 -34.39
C LEU B 95 1.04 3.82 -34.63
N LEU B 96 2.13 3.38 -34.01
CA LEU B 96 3.42 4.04 -34.18
C LEU B 96 3.92 3.72 -35.58
N GLU B 97 3.73 2.47 -35.98
CA GLU B 97 4.16 2.01 -37.31
C GLU B 97 3.33 2.71 -38.37
N LYS B 98 2.02 2.73 -38.18
CA LYS B 98 1.12 3.35 -39.13
C LYS B 98 1.14 4.88 -39.11
N TYR B 99 1.73 5.46 -38.08
CA TYR B 99 1.76 6.92 -37.98
C TYR B 99 3.12 7.61 -37.98
N CYS B 100 3.98 7.26 -37.03
CA CYS B 100 5.29 7.91 -36.95
C CYS B 100 6.38 7.27 -37.81
N GLY B 101 5.96 6.54 -38.83
CA GLY B 101 6.91 5.89 -39.72
C GLY B 101 7.79 4.85 -39.08
N PHE B 102 7.20 4.01 -38.22
CA PHE B 102 7.94 2.96 -37.56
C PHE B 102 8.04 1.73 -38.46
N HIS B 103 9.08 1.71 -39.29
CA HIS B 103 9.32 0.61 -40.23
C HIS B 103 10.83 0.36 -40.31
N GLU B 104 11.22 -0.89 -40.49
CA GLU B 104 12.64 -1.23 -40.56
C GLU B 104 13.39 -0.53 -41.68
N ASP B 105 12.65 0.03 -42.64
CA ASP B 105 13.29 0.69 -43.78
C ASP B 105 13.50 2.19 -43.60
N ASN B 106 12.92 2.77 -42.56
CA ASN B 106 13.07 4.20 -42.32
C ASN B 106 13.15 4.54 -40.84
N ILE B 107 14.12 5.37 -40.48
CA ILE B 107 14.28 5.78 -39.09
C ILE B 107 13.31 6.93 -38.79
N PRO B 108 12.46 6.75 -37.76
CA PRO B 108 11.47 7.76 -37.39
C PRO B 108 12.04 9.10 -36.95
N GLN B 109 11.43 10.18 -37.42
CA GLN B 109 11.86 11.54 -37.09
C GLN B 109 11.26 12.01 -35.77
N LEU B 110 12.13 12.48 -34.88
CA LEU B 110 11.72 12.95 -33.56
C LEU B 110 10.57 13.94 -33.54
N GLU B 111 10.59 14.90 -34.46
CA GLU B 111 9.51 15.90 -34.50
C GLU B 111 8.16 15.20 -34.66
N ASP B 112 8.16 14.08 -35.36
CA ASP B 112 6.95 13.31 -35.60
C ASP B 112 6.55 12.59 -34.32
N VAL B 113 7.47 11.81 -33.78
CA VAL B 113 7.23 11.07 -32.55
C VAL B 113 6.79 12.02 -31.44
N SER B 114 7.54 13.10 -31.25
CA SER B 114 7.21 14.09 -30.23
C SER B 114 5.80 14.61 -30.49
N GLN B 115 5.58 15.15 -31.69
CA GLN B 115 4.28 15.67 -32.06
C GLN B 115 3.19 14.65 -31.80
N PHE B 116 3.52 13.38 -32.00
CA PHE B 116 2.58 12.29 -31.79
C PHE B 116 2.31 12.08 -30.31
N LEU B 117 3.36 11.71 -29.58
CA LEU B 117 3.27 11.47 -28.14
C LEU B 117 2.49 12.57 -27.43
N GLN B 118 2.63 13.80 -27.91
CA GLN B 118 1.95 14.93 -27.30
C GLN B 118 0.43 14.79 -27.32
N THR B 119 -0.11 14.29 -28.43
CA THR B 119 -1.57 14.13 -28.55
C THR B 119 -2.08 12.93 -27.75
N CYS B 120 -1.17 12.01 -27.41
CA CYS B 120 -1.54 10.83 -26.64
C CYS B 120 -1.60 11.13 -25.14
N THR B 121 -0.49 11.65 -24.62
CA THR B 121 -0.41 11.96 -23.19
C THR B 121 0.04 13.39 -22.92
N GLY B 122 0.73 13.99 -23.88
CA GLY B 122 1.20 15.35 -23.71
C GLY B 122 2.71 15.37 -23.59
N PHE B 123 3.32 14.19 -23.64
CA PHE B 123 4.77 14.07 -23.55
C PHE B 123 5.43 14.55 -24.82
N ARG B 124 6.33 15.51 -24.67
CA ARG B 124 7.06 16.05 -25.82
C ARG B 124 8.49 15.56 -25.73
N LEU B 125 9.12 15.38 -26.87
CA LEU B 125 10.50 14.92 -26.88
C LEU B 125 11.43 16.12 -26.92
N ARG B 126 12.66 15.90 -26.45
CA ARG B 126 13.68 16.94 -26.44
C ARG B 126 15.03 16.28 -26.71
N PRO B 127 15.71 16.70 -27.80
CA PRO B 127 17.00 16.11 -28.15
C PRO B 127 18.11 16.48 -27.15
N VAL B 128 18.64 15.46 -26.49
CA VAL B 128 19.71 15.66 -25.51
C VAL B 128 21.06 15.37 -26.17
N ALA B 129 22.06 16.19 -25.85
CA ALA B 129 23.40 16.00 -26.42
C ALA B 129 23.82 14.54 -26.35
N GLY B 130 23.99 14.04 -25.12
CA GLY B 130 24.38 12.66 -24.93
C GLY B 130 23.73 12.08 -23.69
N LEU B 131 24.22 12.50 -22.53
CA LEU B 131 23.68 12.02 -21.25
C LEU B 131 23.58 13.18 -20.27
N LEU B 132 22.85 12.97 -19.18
CA LEU B 132 22.70 14.00 -18.15
C LEU B 132 22.37 13.40 -16.79
N SER B 133 22.59 14.18 -15.75
CA SER B 133 22.35 13.75 -14.38
C SER B 133 20.94 13.18 -14.20
N SER B 134 20.77 12.35 -13.19
CA SER B 134 19.46 11.76 -12.90
C SER B 134 18.52 12.88 -12.49
N ARG B 135 19.07 13.85 -11.76
CA ARG B 135 18.31 14.99 -11.30
C ARG B 135 17.77 15.77 -12.50
N ASP B 136 18.61 15.92 -13.52
CA ASP B 136 18.23 16.66 -14.73
C ASP B 136 17.27 15.87 -15.58
N PHE B 137 17.55 14.59 -15.75
CA PHE B 137 16.70 13.71 -16.55
C PHE B 137 15.31 13.71 -15.92
N LEU B 138 15.24 13.29 -14.67
CA LEU B 138 13.98 13.23 -13.94
C LEU B 138 13.26 14.57 -13.94
N GLY B 139 14.02 15.66 -13.84
CA GLY B 139 13.41 16.98 -13.84
C GLY B 139 12.58 17.23 -15.08
N GLY B 140 12.99 16.65 -16.20
CA GLY B 140 12.26 16.84 -17.43
C GLY B 140 10.90 16.17 -17.36
N LEU B 141 10.87 15.02 -16.70
CA LEU B 141 9.63 14.25 -16.56
C LEU B 141 8.53 15.03 -15.86
N ALA B 142 8.92 15.95 -14.99
CA ALA B 142 7.96 16.77 -14.25
C ALA B 142 7.13 17.63 -15.19
N PHE B 143 7.62 17.80 -16.42
CA PHE B 143 6.92 18.60 -17.43
C PHE B 143 6.47 17.71 -18.57
N ARG B 144 6.57 16.40 -18.36
CA ARG B 144 6.18 15.43 -19.37
C ARG B 144 7.05 15.65 -20.60
N VAL B 145 8.34 15.91 -20.34
CA VAL B 145 9.33 16.14 -21.38
C VAL B 145 10.38 15.03 -21.29
N PHE B 146 10.62 14.34 -22.40
CA PHE B 146 11.61 13.27 -22.44
C PHE B 146 12.85 13.68 -23.21
N HIS B 147 14.01 13.55 -22.56
CA HIS B 147 15.27 13.90 -23.20
C HIS B 147 15.75 12.71 -24.02
N CYS B 148 15.56 12.80 -25.34
CA CYS B 148 15.92 11.74 -26.26
C CYS B 148 17.19 11.98 -27.07
N THR B 149 17.84 10.88 -27.44
CA THR B 149 19.05 10.91 -28.25
C THR B 149 18.67 10.78 -29.72
N GLN B 150 19.19 11.69 -30.56
CA GLN B 150 18.89 11.67 -31.98
C GLN B 150 19.84 10.75 -32.75
N TYR B 151 20.98 10.45 -32.16
CA TYR B 151 21.98 9.59 -32.79
C TYR B 151 21.69 8.09 -32.72
N ILE B 152 22.64 7.30 -33.21
CA ILE B 152 22.50 5.84 -33.24
C ILE B 152 23.82 5.11 -33.01
N ARG B 153 23.73 3.92 -32.44
CA ARG B 153 24.90 3.10 -32.17
C ARG B 153 25.70 2.87 -33.45
N HIS B 154 26.93 2.39 -33.31
CA HIS B 154 27.75 2.14 -34.49
C HIS B 154 27.39 0.78 -35.09
N GLY B 155 27.39 0.72 -36.41
CA GLY B 155 27.04 -0.51 -37.10
C GLY B 155 27.91 -1.71 -36.83
N SER B 156 29.07 -1.51 -36.21
CA SER B 156 29.96 -2.64 -35.91
C SER B 156 29.22 -3.73 -35.16
N LYS B 157 28.59 -3.35 -34.05
CA LYS B 157 27.82 -4.30 -33.25
C LYS B 157 26.40 -3.78 -33.10
N PRO B 158 25.53 -4.09 -34.08
CA PRO B 158 24.12 -3.68 -34.11
C PRO B 158 23.24 -4.36 -33.08
N MET B 159 23.86 -5.12 -32.17
CA MET B 159 23.11 -5.82 -31.13
C MET B 159 23.58 -5.40 -29.75
N TYR B 160 24.31 -4.29 -29.69
CA TYR B 160 24.82 -3.78 -28.43
C TYR B 160 25.09 -2.29 -28.47
N THR B 161 24.70 -1.61 -27.40
CA THR B 161 24.91 -0.17 -27.26
C THR B 161 25.36 0.11 -25.83
N PRO B 162 26.44 0.89 -25.67
CA PRO B 162 26.94 1.22 -24.33
C PRO B 162 26.12 2.31 -23.64
N GLU B 163 25.18 2.88 -24.39
CA GLU B 163 24.33 3.93 -23.86
C GLU B 163 23.11 4.13 -24.77
N PRO B 164 22.13 4.93 -24.30
CA PRO B 164 20.92 5.17 -25.09
C PRO B 164 21.13 5.74 -26.49
N ASP B 165 20.49 5.10 -27.47
CA ASP B 165 20.54 5.52 -28.87
C ASP B 165 19.10 5.63 -29.36
N ILE B 166 18.89 6.19 -30.55
CA ILE B 166 17.53 6.35 -31.07
C ILE B 166 16.70 5.06 -31.11
N CYS B 167 17.35 3.92 -30.91
CA CYS B 167 16.66 2.64 -30.91
C CYS B 167 16.09 2.39 -29.52
N HIS B 168 16.95 2.55 -28.51
CA HIS B 168 16.54 2.36 -27.13
C HIS B 168 15.41 3.31 -26.76
N GLU B 169 15.55 4.57 -27.18
CA GLU B 169 14.55 5.59 -26.89
C GLU B 169 13.24 5.38 -27.64
N LEU B 170 13.33 5.01 -28.90
CA LEU B 170 12.13 4.81 -29.73
C LEU B 170 11.49 3.43 -29.61
N LEU B 171 12.31 2.38 -29.58
CA LEU B 171 11.80 1.02 -29.48
C LEU B 171 11.91 0.52 -28.04
N GLY B 172 11.79 1.44 -27.09
CA GLY B 172 11.88 1.06 -25.69
C GLY B 172 11.12 1.98 -24.76
N HIS B 173 11.46 3.26 -24.81
CA HIS B 173 10.81 4.26 -23.96
C HIS B 173 9.50 4.80 -24.53
N VAL B 174 9.59 5.40 -25.72
CA VAL B 174 8.45 5.99 -26.40
C VAL B 174 7.11 5.27 -26.30
N PRO B 175 7.06 3.97 -26.64
CA PRO B 175 5.77 3.25 -26.56
C PRO B 175 5.10 3.29 -25.20
N LEU B 176 5.91 3.39 -24.13
CA LEU B 176 5.36 3.44 -22.79
C LEU B 176 4.85 4.85 -22.47
N PHE B 177 5.53 5.85 -23.02
CA PHE B 177 5.15 7.24 -22.78
C PHE B 177 3.89 7.60 -23.57
N SER B 178 3.34 6.63 -24.30
CA SER B 178 2.13 6.87 -25.07
C SER B 178 0.93 6.44 -24.23
N ASP B 179 1.21 5.72 -23.15
CA ASP B 179 0.17 5.22 -22.26
C ASP B 179 -0.18 6.22 -21.16
N ARG B 180 -1.47 6.55 -21.08
CA ARG B 180 -1.99 7.51 -20.11
C ARG B 180 -1.51 7.32 -18.68
N SER B 181 -1.66 6.10 -18.17
CA SER B 181 -1.25 5.81 -16.79
C SER B 181 0.25 5.92 -16.58
N PHE B 182 1.03 5.52 -17.57
CA PHE B 182 2.49 5.58 -17.45
C PHE B 182 3.02 7.00 -17.36
N ALA B 183 2.45 7.90 -18.15
CA ALA B 183 2.88 9.31 -18.17
C ALA B 183 2.78 9.94 -16.78
N GLN B 184 1.58 9.91 -16.18
CA GLN B 184 1.38 10.49 -14.86
C GLN B 184 2.41 9.90 -13.90
N PHE B 185 2.59 8.58 -14.02
CA PHE B 185 3.53 7.84 -13.19
C PHE B 185 4.93 8.47 -13.32
N SER B 186 5.41 8.56 -14.56
CA SER B 186 6.71 9.14 -14.82
C SER B 186 6.77 10.54 -14.21
N GLN B 187 5.79 11.36 -14.56
CA GLN B 187 5.72 12.73 -14.07
C GLN B 187 5.84 12.81 -12.55
N GLU B 188 5.25 11.85 -11.85
CA GLU B 188 5.32 11.82 -10.40
C GLU B 188 6.78 11.86 -9.97
N ILE B 189 7.58 10.96 -10.52
CA ILE B 189 9.00 10.90 -10.20
C ILE B 189 9.65 12.25 -10.47
N GLY B 190 9.28 12.87 -11.59
CA GLY B 190 9.84 14.16 -11.94
C GLY B 190 9.54 15.20 -10.89
N LEU B 191 8.28 15.22 -10.46
CA LEU B 191 7.83 16.17 -9.45
C LEU B 191 8.48 15.84 -8.11
N ALA B 192 8.79 14.56 -7.92
CA ALA B 192 9.44 14.10 -6.69
C ALA B 192 10.86 14.62 -6.63
N SER B 193 11.62 14.32 -7.68
CA SER B 193 13.01 14.73 -7.79
C SER B 193 13.26 16.24 -7.71
N LEU B 194 12.23 17.03 -7.96
CA LEU B 194 12.39 18.48 -7.92
C LEU B 194 12.88 19.01 -6.57
N GLY B 195 14.16 19.35 -6.51
CA GLY B 195 14.73 19.87 -5.28
C GLY B 195 15.03 18.80 -4.25
N ALA B 196 14.92 17.54 -4.63
CA ALA B 196 15.18 16.43 -3.70
C ALA B 196 16.68 16.27 -3.43
N PRO B 197 17.04 15.85 -2.20
CA PRO B 197 18.45 15.68 -1.87
C PRO B 197 19.07 14.48 -2.62
N ASP B 198 20.35 14.63 -2.96
CA ASP B 198 21.08 13.60 -3.69
C ASP B 198 20.72 12.16 -3.36
N GLU B 199 20.79 11.80 -2.08
CA GLU B 199 20.48 10.43 -1.65
C GLU B 199 19.19 9.92 -2.24
N TYR B 200 18.16 10.77 -2.22
CA TYR B 200 16.86 10.38 -2.75
C TYR B 200 16.83 10.46 -4.26
N ILE B 201 17.59 11.38 -4.82
CA ILE B 201 17.66 11.53 -6.27
C ILE B 201 18.19 10.20 -6.82
N GLU B 202 19.27 9.72 -6.23
CA GLU B 202 19.89 8.47 -6.62
C GLU B 202 18.93 7.30 -6.41
N LYS B 203 18.18 7.37 -5.31
CA LYS B 203 17.20 6.34 -4.97
C LYS B 203 16.13 6.27 -6.05
N LEU B 204 15.65 7.44 -6.49
CA LEU B 204 14.62 7.51 -7.53
C LEU B 204 15.17 6.93 -8.82
N ALA B 205 16.40 7.34 -9.18
CA ALA B 205 17.04 6.84 -10.38
C ALA B 205 17.00 5.32 -10.33
N THR B 206 17.44 4.77 -9.21
CA THR B 206 17.46 3.33 -9.03
C THR B 206 16.06 2.73 -9.24
N ILE B 207 15.04 3.44 -8.77
CA ILE B 207 13.67 2.99 -8.93
C ILE B 207 13.34 3.06 -10.42
N TYR B 208 13.65 4.21 -11.01
CA TYR B 208 13.42 4.46 -12.44
C TYR B 208 13.97 3.28 -13.25
N TRP B 209 15.05 2.69 -12.76
CA TRP B 209 15.68 1.57 -13.41
C TRP B 209 14.80 0.33 -13.34
N PHE B 210 14.59 -0.18 -12.13
CA PHE B 210 13.77 -1.37 -11.91
C PHE B 210 12.31 -1.18 -12.26
N THR B 211 12.02 -0.11 -12.99
CA THR B 211 10.65 0.17 -13.39
C THR B 211 10.63 0.53 -14.88
N VAL B 212 11.00 1.77 -15.18
CA VAL B 212 11.02 2.28 -16.54
C VAL B 212 12.06 1.59 -17.43
N GLU B 213 13.27 1.42 -16.91
CA GLU B 213 14.34 0.78 -17.65
C GLU B 213 14.27 -0.73 -17.72
N PHE B 214 14.26 -1.38 -16.55
CA PHE B 214 14.19 -2.84 -16.48
C PHE B 214 13.10 -3.35 -15.55
N GLY B 215 11.86 -2.94 -15.83
CA GLY B 215 10.75 -3.37 -15.01
C GLY B 215 9.88 -4.40 -15.72
N LEU B 216 9.14 -5.17 -14.92
CA LEU B 216 8.24 -6.19 -15.45
C LEU B 216 6.87 -5.95 -14.85
N CYS B 217 5.84 -5.98 -15.68
CA CYS B 217 4.48 -5.74 -15.21
C CYS B 217 3.62 -6.99 -15.07
N LYS B 218 2.40 -6.78 -14.59
CA LYS B 218 1.43 -7.86 -14.39
C LYS B 218 0.31 -7.82 -15.42
N GLN B 219 0.16 -8.91 -16.16
CA GLN B 219 -0.88 -9.00 -17.18
C GLN B 219 -1.77 -10.22 -16.94
N GLY B 220 -2.52 -10.19 -15.84
CA GLY B 220 -3.40 -11.29 -15.49
C GLY B 220 -2.72 -12.24 -14.53
N ASP B 221 -2.04 -13.24 -15.08
CA ASP B 221 -1.33 -14.22 -14.26
C ASP B 221 0.13 -14.17 -14.66
N SER B 222 0.34 -14.04 -15.97
CA SER B 222 1.68 -13.99 -16.55
C SER B 222 2.37 -12.65 -16.33
N ILE B 223 3.66 -12.62 -16.64
CA ILE B 223 4.48 -11.42 -16.50
C ILE B 223 5.01 -10.99 -17.86
N LYS B 224 4.93 -9.69 -18.12
CA LYS B 224 5.42 -9.13 -19.37
C LYS B 224 6.53 -8.11 -19.10
N ALA B 225 7.27 -7.77 -20.14
CA ALA B 225 8.36 -6.80 -20.01
C ALA B 225 7.90 -5.43 -20.49
N TYR B 226 8.09 -4.42 -19.64
CA TYR B 226 7.70 -3.06 -19.99
C TYR B 226 8.90 -2.13 -19.83
N GLY B 227 10.00 -2.69 -19.35
CA GLY B 227 11.21 -1.91 -19.19
C GLY B 227 11.77 -1.47 -20.53
N ALA B 228 12.20 -0.22 -20.59
CA ALA B 228 12.74 0.35 -21.83
C ALA B 228 14.07 -0.31 -22.19
N GLY B 229 14.88 -0.60 -21.18
CA GLY B 229 16.16 -1.24 -21.43
C GLY B 229 15.96 -2.67 -21.89
N LEU B 230 14.85 -3.27 -21.48
CA LEU B 230 14.53 -4.65 -21.84
C LEU B 230 14.04 -4.74 -23.29
N LEU B 231 13.08 -3.89 -23.63
CA LEU B 231 12.48 -3.86 -24.95
C LEU B 231 13.44 -3.53 -26.08
N SER B 232 14.43 -2.68 -25.80
CA SER B 232 15.40 -2.30 -26.82
C SER B 232 16.56 -3.29 -26.90
N SER B 233 16.68 -4.15 -25.89
CA SER B 233 17.75 -5.14 -25.83
C SER B 233 17.23 -6.55 -26.13
N PHE B 234 17.70 -7.12 -27.23
CA PHE B 234 17.28 -8.45 -27.65
C PHE B 234 17.65 -9.59 -26.70
N GLY B 235 18.89 -9.58 -26.21
CA GLY B 235 19.35 -10.62 -25.32
C GLY B 235 18.66 -10.69 -23.97
N GLU B 236 18.28 -9.54 -23.42
CA GLU B 236 17.63 -9.50 -22.13
C GLU B 236 16.11 -9.60 -22.22
N LEU B 237 15.58 -9.37 -23.41
CA LEU B 237 14.14 -9.43 -23.61
C LEU B 237 13.66 -10.86 -23.38
N GLN B 238 14.45 -11.83 -23.83
CA GLN B 238 14.11 -13.23 -23.67
C GLN B 238 14.59 -13.78 -22.32
N TYR B 239 15.59 -13.11 -21.75
CA TYR B 239 16.15 -13.54 -20.47
C TYR B 239 15.25 -13.19 -19.27
N CYS B 240 14.73 -11.98 -19.26
CA CYS B 240 13.88 -11.52 -18.17
C CYS B 240 12.55 -12.27 -18.11
N LEU B 241 12.17 -12.89 -19.23
CA LEU B 241 10.91 -13.63 -19.31
C LEU B 241 11.05 -15.09 -18.92
N SER B 242 12.28 -15.56 -18.76
CA SER B 242 12.53 -16.94 -18.39
C SER B 242 12.46 -17.18 -16.88
N GLU B 243 12.70 -18.42 -16.47
CA GLU B 243 12.66 -18.80 -15.06
C GLU B 243 14.07 -18.92 -14.46
N LYS B 244 14.92 -17.96 -14.78
CA LYS B 244 16.28 -17.94 -14.27
C LYS B 244 16.45 -16.85 -13.21
N PRO B 245 15.90 -15.64 -13.46
CA PRO B 245 16.01 -14.53 -12.50
C PRO B 245 15.05 -14.71 -11.32
N LYS B 246 15.43 -14.18 -10.17
CA LYS B 246 14.58 -14.28 -8.98
C LYS B 246 13.72 -13.03 -8.83
N LEU B 247 12.48 -13.14 -9.31
CA LEU B 247 11.53 -12.03 -9.28
C LEU B 247 11.11 -11.64 -7.88
N LEU B 248 10.76 -10.35 -7.73
CA LEU B 248 10.32 -9.81 -6.46
C LEU B 248 9.23 -8.76 -6.72
N PRO B 249 8.46 -8.40 -5.67
CA PRO B 249 7.39 -7.41 -5.83
C PRO B 249 7.90 -5.98 -5.85
N LEU B 250 7.26 -5.14 -6.66
CA LEU B 250 7.67 -3.75 -6.74
C LEU B 250 7.38 -3.08 -5.39
N GLU B 251 8.41 -3.00 -4.56
CA GLU B 251 8.31 -2.40 -3.23
C GLU B 251 9.37 -1.31 -3.13
N LEU B 252 9.02 -0.11 -3.56
CA LEU B 252 9.92 1.04 -3.56
C LEU B 252 10.76 1.23 -2.29
N GLU B 253 10.30 0.67 -1.17
CA GLU B 253 11.03 0.79 0.08
C GLU B 253 12.38 0.08 0.00
N LYS B 254 12.33 -1.20 -0.35
CA LYS B 254 13.53 -2.02 -0.45
C LYS B 254 14.08 -2.09 -1.87
N THR B 255 13.45 -1.36 -2.78
CA THR B 255 13.90 -1.35 -4.17
C THR B 255 14.97 -0.28 -4.40
N ALA B 256 14.88 0.81 -3.64
CA ALA B 256 15.82 1.91 -3.75
C ALA B 256 17.19 1.55 -3.17
N ILE B 257 17.20 0.63 -2.22
CA ILE B 257 18.44 0.20 -1.58
C ILE B 257 19.22 -0.72 -2.51
N GLN B 258 18.47 -1.55 -3.25
CA GLN B 258 19.04 -2.51 -4.19
C GLN B 258 20.13 -1.97 -5.10
N ASN B 259 21.29 -2.63 -5.09
CA ASN B 259 22.43 -2.26 -5.91
C ASN B 259 22.44 -3.10 -7.19
N TYR B 260 22.70 -2.47 -8.33
CA TYR B 260 22.72 -3.19 -9.61
C TYR B 260 23.95 -2.91 -10.48
N THR B 261 24.18 -3.81 -11.45
CA THR B 261 25.30 -3.69 -12.38
C THR B 261 24.84 -2.92 -13.60
N VAL B 262 25.77 -2.24 -14.25
CA VAL B 262 25.44 -1.44 -15.42
C VAL B 262 25.68 -2.16 -16.75
N THR B 263 26.80 -2.87 -16.84
CA THR B 263 27.16 -3.58 -18.08
C THR B 263 26.48 -4.93 -18.33
N GLU B 264 25.87 -5.51 -17.31
CA GLU B 264 25.24 -6.80 -17.51
C GLU B 264 23.81 -6.97 -17.00
N PHE B 265 23.29 -8.19 -17.16
CA PHE B 265 21.94 -8.55 -16.76
C PHE B 265 21.71 -8.54 -15.25
N GLN B 266 20.51 -8.13 -14.86
CA GLN B 266 20.12 -8.06 -13.45
C GLN B 266 19.26 -9.27 -13.03
N PRO B 267 19.69 -10.00 -11.99
CA PRO B 267 18.93 -11.16 -11.54
C PRO B 267 17.60 -10.74 -10.93
N LEU B 268 17.55 -9.47 -10.52
CA LEU B 268 16.37 -8.89 -9.92
C LEU B 268 15.58 -8.02 -10.91
N TYR B 269 14.28 -8.29 -10.97
CA TYR B 269 13.35 -7.55 -11.84
C TYR B 269 12.05 -7.42 -11.03
N TYR B 270 11.85 -6.24 -10.43
CA TYR B 270 10.65 -6.00 -9.62
C TYR B 270 9.37 -5.99 -10.43
N VAL B 271 8.46 -6.90 -10.07
CA VAL B 271 7.18 -7.04 -10.76
C VAL B 271 6.09 -6.12 -10.24
N ALA B 272 5.75 -5.09 -11.01
CA ALA B 272 4.71 -4.13 -10.64
C ALA B 272 3.34 -4.63 -11.11
N GLU B 273 2.33 -4.42 -10.28
CA GLU B 273 0.98 -4.83 -10.63
C GLU B 273 0.56 -4.07 -11.87
N SER B 274 0.68 -2.75 -11.80
CA SER B 274 0.32 -1.88 -12.91
C SER B 274 1.03 -0.54 -12.76
N PHE B 275 1.01 0.26 -13.82
CA PHE B 275 1.64 1.57 -13.79
C PHE B 275 0.79 2.48 -12.92
N ASN B 276 -0.51 2.26 -12.96
CA ASN B 276 -1.47 3.03 -12.17
C ASN B 276 -1.20 2.69 -10.70
N ASP B 277 -0.80 1.44 -10.50
CA ASP B 277 -0.49 0.87 -9.19
C ASP B 277 0.91 1.23 -8.71
N ALA B 278 1.92 1.06 -9.59
CA ALA B 278 3.29 1.41 -9.23
C ALA B 278 3.26 2.88 -8.83
N LYS B 279 2.44 3.63 -9.54
CA LYS B 279 2.26 5.06 -9.32
C LYS B 279 2.03 5.40 -7.85
N GLU B 280 1.23 4.58 -7.17
CA GLU B 280 0.91 4.81 -5.77
C GLU B 280 2.04 4.51 -4.79
N LYS B 281 2.87 3.51 -5.10
CA LYS B 281 4.00 3.20 -4.22
C LYS B 281 5.05 4.28 -4.50
N VAL B 282 4.98 4.83 -5.71
CA VAL B 282 5.89 5.88 -6.14
C VAL B 282 5.51 7.15 -5.39
N ARG B 283 4.22 7.46 -5.41
CA ARG B 283 3.71 8.64 -4.73
C ARG B 283 4.14 8.48 -3.27
N ASN B 284 4.01 7.25 -2.78
CA ASN B 284 4.38 6.92 -1.41
C ASN B 284 5.87 7.22 -1.23
N PHE B 285 6.67 6.64 -2.11
CA PHE B 285 8.12 6.85 -2.08
C PHE B 285 8.36 8.35 -2.27
N ALA B 286 7.40 9.00 -2.91
CA ALA B 286 7.47 10.43 -3.17
C ALA B 286 7.13 11.14 -1.87
N ALA B 287 6.14 10.61 -1.16
CA ALA B 287 5.74 11.20 0.12
C ALA B 287 6.87 10.98 1.10
N THR B 288 7.70 9.98 0.80
CA THR B 288 8.85 9.66 1.65
C THR B 288 9.90 10.77 1.48
N ILE B 289 10.01 11.29 0.26
CA ILE B 289 10.96 12.34 -0.05
C ILE B 289 10.74 13.56 0.84
N PRO B 290 11.67 13.81 1.77
CA PRO B 290 11.59 14.95 2.69
C PRO B 290 11.95 16.28 2.02
N ARG B 291 10.94 17.02 1.60
CA ARG B 291 11.10 18.33 0.97
C ARG B 291 10.40 19.38 1.84
N PRO B 292 11.02 20.55 2.02
CA PRO B 292 10.40 21.60 2.85
C PRO B 292 9.13 22.22 2.27
N PHE B 293 8.53 21.52 1.31
CA PHE B 293 7.31 22.00 0.66
C PHE B 293 6.73 20.97 -0.31
N SER B 294 5.80 21.44 -1.12
CA SER B 294 5.14 20.63 -2.14
C SER B 294 5.01 21.45 -3.41
N VAL B 295 5.15 20.80 -4.57
CA VAL B 295 5.06 21.49 -5.84
C VAL B 295 3.96 20.89 -6.70
N ARG B 296 3.35 21.74 -7.52
CA ARG B 296 2.27 21.31 -8.41
C ARG B 296 2.49 21.89 -9.80
N TYR B 297 2.31 21.06 -10.82
CA TYR B 297 2.47 21.49 -12.20
C TYR B 297 1.20 22.06 -12.79
N ASP B 298 1.31 23.23 -13.44
CA ASP B 298 0.17 23.89 -14.08
C ASP B 298 0.31 23.77 -15.60
N PRO B 299 -0.42 22.83 -16.20
CA PRO B 299 -0.38 22.61 -17.64
C PRO B 299 -0.81 23.79 -18.51
N TYR B 300 -1.52 24.75 -17.92
CA TYR B 300 -1.98 25.91 -18.68
C TYR B 300 -0.88 26.96 -18.81
N THR B 301 -0.22 27.25 -17.70
CA THR B 301 0.86 28.23 -17.68
C THR B 301 2.18 27.51 -17.84
N GLN B 302 2.13 26.18 -17.93
CA GLN B 302 3.31 25.35 -18.07
C GLN B 302 4.43 25.81 -17.14
N ARG B 303 4.04 26.15 -15.92
CA ARG B 303 4.93 26.61 -14.86
C ARG B 303 4.89 25.55 -13.77
N ILE B 304 5.82 25.63 -12.82
CA ILE B 304 5.84 24.71 -11.71
C ILE B 304 5.46 25.55 -10.49
N GLU B 305 4.36 25.18 -9.84
CA GLU B 305 3.86 25.93 -8.69
C GLU B 305 4.37 25.41 -7.35
N VAL B 306 5.01 26.31 -6.60
CA VAL B 306 5.53 25.97 -5.29
C VAL B 306 4.42 26.26 -4.27
N LEU B 307 3.94 25.20 -3.63
CA LEU B 307 2.88 25.35 -2.65
C LEU B 307 3.50 25.53 -1.27
N ASP B 308 3.52 26.79 -0.82
CA ASP B 308 4.07 27.13 0.49
C ASP B 308 3.19 28.20 1.13
N ASN B 309 2.48 28.95 0.30
CA ASN B 309 1.62 30.01 0.80
C ASN B 309 0.18 29.53 0.96
N THR B 310 -0.55 30.17 1.86
CA THR B 310 -1.94 29.81 2.12
C THR B 310 -2.86 30.12 0.93
N GLN B 311 -2.46 31.06 0.08
CA GLN B 311 -3.28 31.39 -1.07
C GLN B 311 -2.96 30.44 -2.22
N GLN B 312 -1.78 29.84 -2.15
CA GLN B 312 -1.35 28.88 -3.17
C GLN B 312 -2.26 27.66 -3.10
N LEU B 313 -2.76 27.36 -1.90
CA LEU B 313 -3.63 26.22 -1.69
C LEU B 313 -5.09 26.54 -2.01
N LYS B 314 -5.44 27.82 -1.92
CA LYS B 314 -6.81 28.26 -2.20
C LYS B 314 -7.16 27.87 -3.63
N ILE B 315 -6.19 28.03 -4.52
CA ILE B 315 -6.36 27.74 -5.94
C ILE B 315 -6.29 26.27 -6.34
N LEU B 316 -5.43 25.51 -5.67
CA LEU B 316 -5.34 24.09 -5.98
C LEU B 316 -6.67 23.49 -5.53
N ALA B 317 -7.15 23.97 -4.38
CA ALA B 317 -8.42 23.50 -3.82
C ALA B 317 -9.50 23.72 -4.86
N ASP B 318 -9.50 24.92 -5.46
CA ASP B 318 -10.48 25.27 -6.47
C ASP B 318 -10.38 24.35 -7.68
N SER B 319 -9.16 24.03 -8.09
CA SER B 319 -8.96 23.16 -9.24
C SER B 319 -9.65 21.83 -8.98
N ILE B 320 -9.37 21.25 -7.82
CA ILE B 320 -9.96 19.98 -7.45
C ILE B 320 -11.48 20.10 -7.34
N ASN B 321 -11.94 21.04 -6.53
CA ASN B 321 -13.36 21.26 -6.33
C ASN B 321 -14.18 21.16 -7.61
N SER B 322 -13.71 21.83 -8.66
CA SER B 322 -14.40 21.82 -9.94
C SER B 322 -14.31 20.48 -10.65
N GLU B 323 -13.15 19.85 -10.54
CA GLU B 323 -12.92 18.56 -11.19
C GLU B 323 -13.77 17.44 -10.61
N ILE B 324 -14.00 17.48 -9.31
CA ILE B 324 -14.84 16.47 -8.68
C ILE B 324 -16.26 16.76 -9.08
N GLY B 325 -16.60 18.05 -9.07
CA GLY B 325 -17.94 18.46 -9.44
C GLY B 325 -18.31 17.83 -10.78
N ILE B 326 -17.28 17.59 -11.59
CA ILE B 326 -17.46 16.96 -12.88
C ILE B 326 -17.64 15.46 -12.64
N LEU B 327 -16.73 14.91 -11.85
CA LEU B 327 -16.73 13.49 -11.49
C LEU B 327 -18.07 13.07 -10.89
N CYS B 328 -18.68 13.97 -10.13
CA CYS B 328 -19.98 13.73 -9.51
C CYS B 328 -21.09 13.75 -10.55
N SER B 329 -21.23 14.87 -11.24
CA SER B 329 -22.27 15.03 -12.27
C SER B 329 -22.25 13.85 -13.23
N ALA B 330 -21.03 13.43 -13.61
CA ALA B 330 -20.85 12.30 -14.50
C ALA B 330 -21.44 11.07 -13.83
N LEU B 331 -20.94 10.77 -12.64
CA LEU B 331 -21.40 9.62 -11.87
C LEU B 331 -22.91 9.65 -11.67
N GLN B 332 -23.44 10.82 -11.35
CA GLN B 332 -24.88 10.97 -11.14
C GLN B 332 -25.68 10.55 -12.37
N LYS B 333 -25.04 10.60 -13.53
CA LYS B 333 -25.72 10.26 -14.77
C LYS B 333 -25.48 8.82 -15.21
N ILE B 334 -24.85 8.02 -14.36
CA ILE B 334 -24.57 6.63 -14.71
C ILE B 334 -25.31 5.61 -13.85
N LYS B 335 -26.64 5.66 -13.91
CA LYS B 335 -27.47 4.73 -13.16
C LYS B 335 -27.80 3.53 -14.04
FE FE C . -8.18 -12.77 21.66
FE FE D . 16.63 5.01 -20.89
#